data_8P0F
#
_entry.id   8P0F
#
_cell.length_a   47.387
_cell.length_b   47.720
_cell.length_c   98.756
_cell.angle_alpha   81.70
_cell.angle_beta   76.66
_cell.angle_gamma   82.80
#
_symmetry.space_group_name_H-M   'P 1'
#
loop_
_entity.id
_entity.type
_entity.pdbx_description
1 polymer 'von Hippel-Lindau disease tumor suppressor'
2 polymer Elongin-C
3 polymer Elongin-B
4 non-polymer (3~{R},5~{R})-~{N}-[[4-(4-methyl-1,3-thiazol-5-yl)phenyl]methyl]-5-oxidanyl-2-oxidanylidene-1-pyridin-2-yl-piperidine-3-carboxamide
5 non-polymer 'CHLORIDE ION'
6 water water
#
loop_
_entity_poly.entity_id
_entity_poly.type
_entity_poly.pdbx_seq_one_letter_code
_entity_poly.pdbx_strand_id
1 'polypeptide(L)'
;GSMEAGRPRPVLRSVNSREPSQVIFCNRSPRVVLPVWLNFDGEPQPYPTLPPGTGRRIHSYRGHLWLFRDAGTHDGLLVN
QTELFVPSLNVDGQPIFANITLPVYTLKERCLQVVRSLVKPENYRRLDIVRSLYEDLEDHPNVQKDLERLTQERIAHQRM
GD
;
A,D
2 'polypeptide(L)'
;MMYVKLISSDGHEFIVKREHALTSGTIKAMLSGPGQFAENETNEVNFREIPSHVLSKVCMYFTYKVRYTNSSTEIPEFPI
APEIALELLMAANFLDC
;
B,E
3 'polypeptide(L)'
;MDVFLMIRRHKTTIFTDAKESSTVFELKRIVEGILKRPPDEQRLYKDDQLLDDGKTLGECGFTSQTARPQAPATVGLAFR
ADDTFEALCIEPFSSPPELPDVMK
;
C,F
#
# COMPACT_ATOMS: atom_id res chain seq x y z
N VAL A 11 -51.92 -7.17 -7.98
CA VAL A 11 -51.63 -8.30 -7.10
C VAL A 11 -50.70 -7.86 -5.96
N LEU A 12 -49.58 -7.22 -6.26
CA LEU A 12 -48.64 -6.79 -5.22
C LEU A 12 -49.11 -5.50 -4.56
N ARG A 13 -49.62 -5.61 -3.33
CA ARG A 13 -50.09 -4.48 -2.55
C ARG A 13 -50.05 -4.81 -1.05
N SER A 14 -50.03 -3.78 -0.21
CA SER A 14 -50.06 -3.97 1.24
C SER A 14 -51.45 -4.47 1.64
N VAL A 15 -51.54 -5.27 2.71
CA VAL A 15 -52.84 -5.74 3.20
C VAL A 15 -53.22 -4.77 4.34
N ASN A 16 -54.47 -4.30 4.38
CA ASN A 16 -54.90 -3.35 5.40
C ASN A 16 -55.25 -4.10 6.69
N SER A 17 -54.21 -4.65 7.34
CA SER A 17 -54.35 -5.43 8.57
C SER A 17 -54.57 -4.58 9.82
N ARG A 18 -54.02 -3.35 9.85
CA ARG A 18 -54.11 -2.44 11.00
C ARG A 18 -53.48 -3.05 12.28
N GLU A 19 -52.51 -3.98 12.12
CA GLU A 19 -51.82 -4.65 13.22
C GLU A 19 -50.43 -4.04 13.30
N PRO A 20 -50.10 -3.17 14.29
CA PRO A 20 -48.77 -2.54 14.30
C PRO A 20 -47.59 -3.51 14.36
N SER A 21 -46.47 -3.11 13.74
CA SER A 21 -45.23 -3.88 13.69
C SER A 21 -44.05 -2.91 13.62
N GLN A 22 -43.15 -2.98 14.62
CA GLN A 22 -41.96 -2.12 14.67
C GLN A 22 -40.87 -2.78 13.84
N VAL A 23 -40.22 -1.98 12.99
CA VAL A 23 -39.21 -2.47 12.06
C VAL A 23 -37.95 -1.60 12.16
N ILE A 24 -36.76 -2.20 12.02
CA ILE A 24 -35.52 -1.43 11.94
C ILE A 24 -35.11 -1.44 10.47
N PHE A 25 -35.12 -0.27 9.80
CA PHE A 25 -34.62 -0.19 8.43
C PHE A 25 -33.13 0.01 8.61
N CYS A 26 -32.33 -1.01 8.30
CA CYS A 26 -30.89 -0.94 8.50
C CYS A 26 -30.19 -0.88 7.15
N ASN A 27 -29.63 0.28 6.80
CA ASN A 27 -28.96 0.46 5.52
C ASN A 27 -27.52 -0.07 5.56
N ARG A 28 -27.33 -1.34 5.17
CA ARG A 28 -26.02 -1.97 5.11
C ARG A 28 -25.49 -1.90 3.67
N SER A 29 -25.63 -0.73 3.03
CA SER A 29 -25.18 -0.52 1.66
C SER A 29 -24.42 0.82 1.56
N PRO A 30 -23.59 1.07 0.51
CA PRO A 30 -22.95 2.39 0.40
C PRO A 30 -23.84 3.45 -0.29
N ARG A 31 -25.12 3.13 -0.60
CA ARG A 31 -26.01 4.03 -1.31
C ARG A 31 -26.95 4.76 -0.36
N VAL A 32 -27.51 5.90 -0.80
CA VAL A 32 -28.53 6.61 -0.05
C VAL A 32 -29.79 5.81 -0.40
N VAL A 33 -30.50 5.27 0.60
CA VAL A 33 -31.66 4.40 0.31
C VAL A 33 -32.97 5.15 0.37
N LEU A 34 -33.83 4.87 -0.60
CA LEU A 34 -35.19 5.37 -0.64
C LEU A 34 -36.12 4.20 -0.25
N PRO A 35 -36.71 4.16 0.96
CA PRO A 35 -37.73 3.14 1.23
C PRO A 35 -38.99 3.48 0.43
N VAL A 36 -39.64 2.46 -0.17
CA VAL A 36 -40.84 2.65 -0.96
C VAL A 36 -41.94 1.72 -0.41
N TRP A 37 -43.08 2.28 0.00
CA TRP A 37 -44.21 1.49 0.53
C TRP A 37 -45.25 1.33 -0.58
N LEU A 38 -45.70 0.10 -0.87
CA LEU A 38 -46.74 -0.11 -1.87
C LEU A 38 -48.05 0.00 -1.14
N ASN A 39 -48.90 0.98 -1.51
CA ASN A 39 -50.16 1.21 -0.80
C ASN A 39 -51.20 0.10 -1.10
N PHE A 40 -52.43 0.21 -0.58
CA PHE A 40 -53.44 -0.82 -0.76
C PHE A 40 -53.92 -0.96 -2.21
N ASP A 41 -53.56 -0.01 -3.11
CA ASP A 41 -53.84 -0.11 -4.56
C ASP A 41 -52.59 -0.55 -5.38
N GLY A 42 -51.49 -0.92 -4.70
CA GLY A 42 -50.26 -1.36 -5.35
C GLY A 42 -49.38 -0.26 -5.89
N GLU A 43 -49.66 1.01 -5.55
CA GLU A 43 -48.88 2.14 -6.07
C GLU A 43 -47.75 2.50 -5.12
N PRO A 44 -46.53 2.78 -5.63
CA PRO A 44 -45.41 3.09 -4.73
C PRO A 44 -45.42 4.51 -4.13
N GLN A 45 -45.16 4.63 -2.81
CA GLN A 45 -45.10 5.92 -2.13
C GLN A 45 -43.68 6.10 -1.59
N PRO A 46 -42.97 7.21 -1.90
CA PRO A 46 -41.61 7.37 -1.36
C PRO A 46 -41.65 7.78 0.11
N TYR A 47 -40.70 7.29 0.90
CA TYR A 47 -40.58 7.62 2.33
C TYR A 47 -39.21 8.30 2.59
N PRO A 48 -38.95 8.95 3.77
CA PRO A 48 -37.65 9.61 3.96
C PRO A 48 -36.45 8.72 3.65
N THR A 49 -35.36 9.31 3.15
CA THR A 49 -34.18 8.53 2.75
C THR A 49 -33.26 8.21 3.94
N LEU A 50 -32.44 7.14 3.80
CA LEU A 50 -31.49 6.72 4.83
C LEU A 50 -30.07 6.90 4.31
N PRO A 51 -29.21 7.76 4.92
CA PRO A 51 -27.80 7.81 4.44
C PRO A 51 -27.09 6.44 4.59
N PRO A 52 -25.96 6.18 3.89
CA PRO A 52 -25.30 4.88 4.05
C PRO A 52 -24.90 4.52 5.48
N GLY A 53 -25.09 3.26 5.86
CA GLY A 53 -24.70 2.77 7.19
C GLY A 53 -25.57 3.21 8.35
N THR A 54 -26.74 3.83 8.08
CA THR A 54 -27.62 4.30 9.14
C THR A 54 -28.80 3.35 9.36
N GLY A 55 -29.41 3.44 10.53
CA GLY A 55 -30.57 2.64 10.90
C GLY A 55 -31.64 3.50 11.52
N ARG A 56 -32.92 3.17 11.26
CA ARG A 56 -34.06 3.91 11.79
C ARG A 56 -35.08 2.94 12.33
N ARG A 57 -35.60 3.18 13.54
CA ARG A 57 -36.67 2.36 14.10
C ARG A 57 -37.97 3.01 13.63
N ILE A 58 -38.74 2.32 12.78
CA ILE A 58 -39.95 2.86 12.17
C ILE A 58 -41.22 2.08 12.53
N HIS A 59 -42.38 2.75 12.47
CA HIS A 59 -43.68 2.14 12.75
C HIS A 59 -44.33 1.70 11.43
N SER A 60 -44.59 0.40 11.28
CA SER A 60 -45.24 -0.15 10.10
C SER A 60 -46.36 -1.14 10.55
N TYR A 61 -46.94 -1.95 9.64
CA TYR A 61 -47.99 -2.91 9.98
C TYR A 61 -47.74 -4.26 9.32
N ARG A 62 -48.31 -5.32 9.89
CA ARG A 62 -48.17 -6.66 9.33
C ARG A 62 -48.82 -6.73 7.95
N GLY A 63 -48.18 -7.45 7.03
CA GLY A 63 -48.69 -7.57 5.67
C GLY A 63 -48.39 -6.39 4.76
N HIS A 64 -47.73 -5.33 5.28
CA HIS A 64 -47.40 -4.17 4.45
C HIS A 64 -46.19 -4.48 3.60
N LEU A 65 -46.24 -4.10 2.33
CA LEU A 65 -45.22 -4.44 1.37
C LEU A 65 -44.28 -3.26 1.10
N TRP A 66 -42.98 -3.49 1.28
CA TRP A 66 -41.91 -2.49 1.12
C TRP A 66 -40.85 -2.97 0.14
N LEU A 67 -40.24 -2.03 -0.56
CA LEU A 67 -39.12 -2.28 -1.44
C LEU A 67 -38.14 -1.11 -1.29
N PHE A 68 -36.87 -1.30 -1.60
CA PHE A 68 -35.86 -0.28 -1.37
C PHE A 68 -35.03 -0.04 -2.62
N ARG A 69 -34.78 1.23 -2.94
CA ARG A 69 -34.04 1.65 -4.12
C ARG A 69 -32.98 2.67 -3.77
N ASP A 70 -32.03 2.93 -4.70
CA ASP A 70 -31.06 4.00 -4.54
C ASP A 70 -31.86 5.31 -4.72
N ALA A 71 -31.74 6.26 -3.80
CA ALA A 71 -32.53 7.48 -3.83
C ALA A 71 -32.23 8.41 -5.01
N GLY A 72 -31.02 8.35 -5.56
CA GLY A 72 -30.63 9.19 -6.69
C GLY A 72 -30.89 8.59 -8.05
N THR A 73 -30.63 7.28 -8.23
CA THR A 73 -30.75 6.61 -9.52
C THR A 73 -31.87 5.58 -9.65
N HIS A 74 -32.50 5.19 -8.52
CA HIS A 74 -33.57 4.18 -8.46
C HIS A 74 -33.08 2.76 -8.76
N ASP A 75 -31.75 2.49 -8.65
CA ASP A 75 -31.21 1.13 -8.78
C ASP A 75 -31.86 0.23 -7.72
N GLY A 76 -32.19 -0.99 -8.09
CA GLY A 76 -32.84 -1.92 -7.17
C GLY A 76 -31.89 -2.39 -6.09
N LEU A 77 -32.41 -2.57 -4.86
CA LEU A 77 -31.64 -3.07 -3.72
C LEU A 77 -32.39 -4.23 -3.05
N LEU A 78 -31.65 -5.09 -2.34
CA LEU A 78 -32.26 -6.22 -1.63
C LEU A 78 -32.53 -5.85 -0.17
N VAL A 79 -33.45 -6.57 0.45
CA VAL A 79 -33.82 -6.40 1.86
C VAL A 79 -33.96 -7.81 2.41
N ASN A 80 -33.05 -8.22 3.32
CA ASN A 80 -32.99 -9.59 3.85
C ASN A 80 -32.82 -10.60 2.71
N GLN A 81 -31.87 -10.29 1.78
CA GLN A 81 -31.51 -11.08 0.60
C GLN A 81 -32.62 -11.25 -0.47
N THR A 82 -33.77 -10.57 -0.38
CA THR A 82 -34.83 -10.70 -1.39
C THR A 82 -35.35 -9.30 -1.83
N GLU A 83 -36.24 -9.23 -2.84
CA GLU A 83 -36.67 -7.94 -3.38
C GLU A 83 -37.75 -7.21 -2.57
N LEU A 84 -38.63 -7.94 -1.88
CA LEU A 84 -39.71 -7.33 -1.11
C LEU A 84 -39.62 -7.65 0.38
N PHE A 85 -40.08 -6.74 1.23
CA PHE A 85 -40.10 -6.92 2.68
C PHE A 85 -41.51 -6.75 3.19
N VAL A 86 -41.97 -7.70 4.03
CA VAL A 86 -43.30 -7.67 4.62
C VAL A 86 -43.10 -7.75 6.15
N PRO A 87 -43.46 -6.74 6.98
CA PRO A 87 -43.29 -6.91 8.43
C PRO A 87 -44.20 -8.00 8.98
N SER A 88 -43.70 -8.75 9.96
CA SER A 88 -44.44 -9.83 10.63
C SER A 88 -44.69 -9.42 12.11
N LEU A 89 -45.31 -10.30 12.93
CA LEU A 89 -45.57 -9.98 14.34
C LEU A 89 -44.24 -9.84 15.11
N ASN A 90 -44.18 -8.89 16.04
CA ASN A 90 -42.98 -8.69 16.87
C ASN A 90 -43.00 -9.70 18.03
N VAL A 91 -42.07 -10.65 18.03
CA VAL A 91 -41.97 -11.66 19.08
C VAL A 91 -41.00 -11.19 20.19
N ASP A 92 -41.34 -11.47 21.46
CA ASP A 92 -40.55 -11.09 22.65
C ASP A 92 -40.17 -9.59 22.72
N GLY A 93 -41.07 -8.70 22.28
CA GLY A 93 -40.82 -7.26 22.29
C GLY A 93 -39.58 -6.84 21.52
N GLN A 94 -39.33 -7.48 20.37
CA GLN A 94 -38.17 -7.23 19.52
C GLN A 94 -38.63 -6.70 18.16
N PRO A 95 -37.98 -5.67 17.57
CA PRO A 95 -38.41 -5.23 16.23
C PRO A 95 -37.89 -6.17 15.14
N ILE A 96 -38.50 -6.10 13.95
CA ILE A 96 -38.10 -6.93 12.82
C ILE A 96 -37.00 -6.16 12.08
N PHE A 97 -35.86 -6.82 11.77
CA PHE A 97 -34.80 -6.14 11.04
C PHE A 97 -35.01 -6.27 9.54
N ALA A 98 -34.86 -5.16 8.81
CA ALA A 98 -34.96 -5.10 7.36
C ALA A 98 -33.59 -4.62 6.88
N ASN A 99 -32.67 -5.57 6.66
CA ASN A 99 -31.31 -5.28 6.26
C ASN A 99 -31.25 -5.01 4.78
N ILE A 100 -31.02 -3.73 4.42
CA ILE A 100 -30.97 -3.32 3.02
C ILE A 100 -29.54 -3.45 2.57
N THR A 101 -29.29 -4.22 1.52
CA THR A 101 -27.94 -4.46 1.03
C THR A 101 -27.91 -4.31 -0.50
N LEU A 102 -26.71 -4.11 -1.04
CA LEU A 102 -26.53 -4.07 -2.48
C LEU A 102 -26.71 -5.49 -3.01
N PRO A 103 -27.34 -5.73 -4.17
CA PRO A 103 -27.26 -7.07 -4.75
C PRO A 103 -25.88 -7.23 -5.43
N VAL A 104 -25.59 -8.43 -5.92
CA VAL A 104 -24.39 -8.66 -6.69
C VAL A 104 -24.89 -8.38 -8.10
N TYR A 105 -24.67 -7.15 -8.57
CA TYR A 105 -25.12 -6.78 -9.91
C TYR A 105 -24.31 -7.53 -10.94
N THR A 106 -24.84 -7.69 -12.16
CA THR A 106 -24.04 -8.26 -13.25
C THR A 106 -23.01 -7.16 -13.61
N LEU A 107 -21.85 -7.54 -14.17
CA LEU A 107 -20.83 -6.55 -14.54
C LEU A 107 -21.42 -5.53 -15.54
N LYS A 108 -22.25 -6.00 -16.49
CA LYS A 108 -22.90 -5.13 -17.46
C LYS A 108 -23.79 -4.09 -16.76
N GLU A 109 -24.61 -4.51 -15.76
CA GLU A 109 -25.49 -3.57 -15.07
C GLU A 109 -24.70 -2.53 -14.26
N ARG A 110 -23.63 -2.96 -13.58
CA ARG A 110 -22.78 -2.05 -12.83
C ARG A 110 -22.11 -1.05 -13.77
N CYS A 111 -21.64 -1.51 -14.94
CA CYS A 111 -21.05 -0.64 -15.96
C CYS A 111 -22.08 0.38 -16.46
N LEU A 112 -23.33 -0.06 -16.70
CA LEU A 112 -24.39 0.85 -17.14
C LEU A 112 -24.65 1.91 -16.05
N GLN A 113 -24.63 1.51 -14.78
CA GLN A 113 -24.82 2.45 -13.68
C GLN A 113 -23.77 3.57 -13.66
N VAL A 114 -22.49 3.22 -13.90
CA VAL A 114 -21.41 4.20 -13.87
C VAL A 114 -21.44 5.10 -15.11
N VAL A 115 -21.66 4.53 -16.32
CA VAL A 115 -21.73 5.33 -17.55
C VAL A 115 -22.97 6.29 -17.46
N ARG A 116 -24.11 5.85 -16.87
CA ARG A 116 -25.28 6.73 -16.70
C ARG A 116 -24.97 7.87 -15.73
N SER A 117 -24.17 7.61 -14.68
CA SER A 117 -23.82 8.65 -13.70
C SER A 117 -22.85 9.70 -14.27
N LEU A 118 -22.23 9.45 -15.44
CA LEU A 118 -21.25 10.36 -16.04
C LEU A 118 -21.72 11.01 -17.35
N VAL A 119 -22.61 10.36 -18.11
CA VAL A 119 -23.08 10.88 -19.41
C VAL A 119 -24.53 11.29 -19.29
N LYS A 120 -24.88 12.45 -19.86
CA LYS A 120 -26.26 12.93 -19.87
C LYS A 120 -27.05 12.06 -20.86
N PRO A 121 -28.34 11.68 -20.61
CA PRO A 121 -29.05 10.85 -21.61
C PRO A 121 -29.04 11.36 -23.05
N GLU A 122 -29.06 12.69 -23.26
CA GLU A 122 -28.98 13.25 -24.62
C GLU A 122 -27.63 12.98 -25.34
N ASN A 123 -26.58 12.61 -24.57
CA ASN A 123 -25.26 12.30 -25.10
C ASN A 123 -24.97 10.79 -25.10
N TYR A 124 -25.94 9.89 -24.77
CA TYR A 124 -25.70 8.44 -24.85
C TYR A 124 -25.39 8.07 -26.31
N ARG A 125 -26.15 8.65 -27.26
CA ARG A 125 -25.96 8.37 -28.69
C ARG A 125 -24.61 8.91 -29.24
N ARG A 126 -23.94 9.80 -28.53
CA ARG A 126 -22.62 10.29 -28.94
C ARG A 126 -21.49 9.28 -28.61
N LEU A 127 -21.73 8.32 -27.68
CA LEU A 127 -20.71 7.35 -27.31
C LEU A 127 -20.49 6.38 -28.47
N ASP A 128 -19.22 6.02 -28.74
CA ASP A 128 -18.91 5.10 -29.84
C ASP A 128 -19.05 3.67 -29.34
N ILE A 129 -20.31 3.22 -29.24
CA ILE A 129 -20.68 1.88 -28.77
C ILE A 129 -21.78 1.29 -29.68
N VAL A 130 -21.94 -0.02 -29.62
CA VAL A 130 -22.94 -0.73 -30.42
C VAL A 130 -24.37 -0.19 -30.11
N ARG A 131 -25.31 -0.27 -31.09
CA ARG A 131 -26.68 0.24 -30.95
C ARG A 131 -27.44 -0.35 -29.74
N SER A 132 -27.30 -1.65 -29.49
CA SER A 132 -27.98 -2.30 -28.37
C SER A 132 -27.57 -1.70 -27.02
N LEU A 133 -26.32 -1.18 -26.91
CA LEU A 133 -25.85 -0.55 -25.68
C LEU A 133 -26.48 0.82 -25.44
N TYR A 134 -26.93 1.53 -26.50
CA TYR A 134 -27.64 2.80 -26.33
C TYR A 134 -28.98 2.50 -25.65
N GLU A 135 -29.69 1.47 -26.14
CA GLU A 135 -30.99 1.03 -25.63
C GLU A 135 -30.85 0.58 -24.18
N ASP A 136 -29.77 -0.16 -23.85
CA ASP A 136 -29.50 -0.62 -22.49
C ASP A 136 -29.30 0.57 -21.55
N LEU A 137 -28.53 1.59 -21.97
CA LEU A 137 -28.32 2.78 -21.15
C LEU A 137 -29.62 3.55 -20.91
N GLU A 138 -30.49 3.63 -21.92
CA GLU A 138 -31.76 4.34 -21.83
C GLU A 138 -32.80 3.65 -20.96
N ASP A 139 -32.69 2.32 -20.81
CA ASP A 139 -33.64 1.56 -19.99
C ASP A 139 -33.25 1.72 -18.52
N HIS A 140 -33.52 2.90 -17.95
CA HIS A 140 -33.17 3.22 -16.57
C HIS A 140 -33.93 2.35 -15.55
N PRO A 141 -33.40 2.13 -14.32
CA PRO A 141 -34.16 1.34 -13.33
C PRO A 141 -35.51 1.98 -13.04
N ASN A 142 -36.57 1.18 -13.04
CA ASN A 142 -37.93 1.70 -12.87
C ASN A 142 -38.70 0.79 -11.92
N VAL A 143 -39.27 1.36 -10.85
CA VAL A 143 -40.03 0.60 -9.86
C VAL A 143 -41.26 -0.04 -10.53
N GLN A 144 -41.95 0.71 -11.43
CA GLN A 144 -43.15 0.22 -12.13
C GLN A 144 -42.83 -1.03 -12.96
N LYS A 145 -41.71 -1.04 -13.69
CA LYS A 145 -41.33 -2.19 -14.53
C LYS A 145 -41.03 -3.43 -13.69
N ASP A 146 -40.23 -3.28 -12.64
CA ASP A 146 -39.86 -4.43 -11.79
C ASP A 146 -41.06 -5.00 -11.03
N LEU A 147 -42.05 -4.16 -10.68
CA LEU A 147 -43.27 -4.66 -10.02
C LEU A 147 -44.07 -5.53 -10.99
N GLU A 148 -44.11 -5.17 -12.28
CA GLU A 148 -44.80 -5.96 -13.30
C GLU A 148 -44.12 -7.33 -13.43
N ARG A 149 -42.77 -7.35 -13.49
CA ARG A 149 -41.99 -8.58 -13.56
C ARG A 149 -42.25 -9.46 -12.33
N LEU A 150 -42.32 -8.85 -11.12
CA LEU A 150 -42.58 -9.59 -9.88
C LEU A 150 -44.02 -10.13 -9.79
N THR A 151 -45.03 -9.38 -10.27
CA THR A 151 -46.43 -9.86 -10.26
C THR A 151 -46.58 -11.04 -11.22
N GLN A 152 -45.91 -10.98 -12.38
CA GLN A 152 -45.96 -12.07 -13.37
C GLN A 152 -45.34 -13.34 -12.79
N GLU A 153 -44.18 -13.24 -12.11
CA GLU A 153 -43.53 -14.41 -11.51
C GLU A 153 -44.27 -14.88 -10.23
N ARG A 154 -45.03 -14.00 -9.55
CA ARG A 154 -45.83 -14.37 -8.37
C ARG A 154 -47.01 -15.25 -8.83
N ILE A 155 -47.63 -14.93 -9.98
CA ILE A 155 -48.74 -15.71 -10.52
C ILE A 155 -48.19 -17.06 -11.02
N ALA A 156 -47.09 -17.03 -11.80
CA ALA A 156 -46.47 -18.25 -12.32
C ALA A 156 -45.67 -18.95 -11.21
N MET B 1 -7.92 -26.54 -7.16
CA MET B 1 -8.96 -26.66 -8.18
C MET B 1 -8.42 -26.33 -9.61
N MET B 2 -9.28 -26.39 -10.65
CA MET B 2 -8.87 -26.16 -12.04
C MET B 2 -8.65 -24.67 -12.35
N TYR B 3 -7.71 -24.36 -13.26
CA TYR B 3 -7.42 -22.99 -13.69
C TYR B 3 -7.43 -22.87 -15.22
N VAL B 4 -7.68 -21.66 -15.72
CA VAL B 4 -7.67 -21.32 -17.15
C VAL B 4 -6.84 -20.05 -17.35
N LYS B 5 -6.33 -19.84 -18.57
CA LYS B 5 -5.55 -18.66 -18.91
C LYS B 5 -6.35 -17.76 -19.86
N LEU B 6 -6.52 -16.48 -19.52
CA LEU B 6 -7.24 -15.52 -20.36
C LEU B 6 -6.20 -14.49 -20.80
N ILE B 7 -5.91 -14.41 -22.10
CA ILE B 7 -4.89 -13.52 -22.65
C ILE B 7 -5.53 -12.25 -23.22
N SER B 8 -5.05 -11.08 -22.80
CA SER B 8 -5.54 -9.80 -23.28
C SER B 8 -4.92 -9.45 -24.66
N SER B 9 -5.44 -8.40 -25.32
CA SER B 9 -4.93 -7.99 -26.63
C SER B 9 -3.48 -7.52 -26.56
N ASP B 10 -3.06 -6.91 -25.44
CA ASP B 10 -1.67 -6.45 -25.25
C ASP B 10 -0.74 -7.53 -24.66
N GLY B 11 -1.13 -8.81 -24.74
CA GLY B 11 -0.27 -9.91 -24.30
C GLY B 11 -0.21 -10.30 -22.84
N HIS B 12 -0.98 -9.67 -21.93
CA HIS B 12 -0.96 -10.08 -20.52
C HIS B 12 -1.77 -11.39 -20.36
N GLU B 13 -1.24 -12.34 -19.57
CA GLU B 13 -1.87 -13.62 -19.30
C GLU B 13 -2.46 -13.58 -17.90
N PHE B 14 -3.76 -13.85 -17.78
CA PHE B 14 -4.45 -13.85 -16.49
C PHE B 14 -4.86 -15.27 -16.18
N ILE B 15 -4.27 -15.87 -15.14
CA ILE B 15 -4.59 -17.24 -14.75
C ILE B 15 -5.65 -17.14 -13.66
N VAL B 16 -6.85 -17.66 -13.93
CA VAL B 16 -8.00 -17.59 -13.03
C VAL B 16 -8.59 -18.98 -12.83
N LYS B 17 -9.29 -19.20 -11.71
CA LYS B 17 -9.96 -20.48 -11.46
C LYS B 17 -11.03 -20.71 -12.53
N ARG B 18 -11.13 -21.95 -13.06
CA ARG B 18 -12.10 -22.28 -14.11
C ARG B 18 -13.53 -21.96 -13.68
N GLU B 19 -13.90 -22.29 -12.44
CA GLU B 19 -15.23 -22.00 -11.90
C GLU B 19 -15.54 -20.49 -11.96
N HIS B 20 -14.55 -19.65 -11.65
CA HIS B 20 -14.68 -18.20 -11.67
C HIS B 20 -14.87 -17.68 -13.10
N ALA B 21 -14.04 -18.15 -14.04
CA ALA B 21 -14.15 -17.74 -15.43
C ALA B 21 -15.48 -18.19 -16.06
N LEU B 22 -16.07 -19.31 -15.59
CA LEU B 22 -17.37 -19.78 -16.09
C LEU B 22 -18.55 -18.86 -15.70
N THR B 23 -18.28 -17.73 -14.99
CA THR B 23 -19.28 -16.69 -14.68
C THR B 23 -19.80 -16.12 -16.03
N SER B 24 -18.87 -15.92 -16.99
CA SER B 24 -19.17 -15.48 -18.35
C SER B 24 -19.66 -16.67 -19.19
N GLY B 25 -20.81 -16.51 -19.85
CA GLY B 25 -21.34 -17.52 -20.75
C GLY B 25 -20.50 -17.66 -22.00
N THR B 26 -19.92 -16.54 -22.48
CA THR B 26 -19.04 -16.53 -23.66
C THR B 26 -17.79 -17.36 -23.39
N ILE B 27 -17.14 -17.18 -22.23
CA ILE B 27 -15.93 -17.95 -21.87
C ILE B 27 -16.28 -19.45 -21.77
N LYS B 28 -17.43 -19.79 -21.15
CA LYS B 28 -17.87 -21.18 -21.06
C LYS B 28 -17.99 -21.84 -22.44
N ALA B 29 -18.55 -21.10 -23.43
CA ALA B 29 -18.68 -21.57 -24.81
C ALA B 29 -17.33 -21.73 -25.49
N MET B 30 -16.41 -20.78 -25.26
CA MET B 30 -15.07 -20.83 -25.84
C MET B 30 -14.26 -22.01 -25.29
N LEU B 31 -14.50 -22.42 -24.03
CA LEU B 31 -13.81 -23.56 -23.43
C LEU B 31 -14.51 -24.91 -23.78
N SER B 32 -15.80 -24.90 -24.12
CA SER B 32 -16.52 -26.12 -24.47
C SER B 32 -16.04 -26.73 -25.79
N GLY B 33 -15.69 -25.87 -26.75
CA GLY B 33 -15.20 -26.29 -28.05
C GLY B 33 -13.98 -25.44 -28.41
N PRO B 34 -13.85 -24.90 -29.66
CA PRO B 34 -12.66 -24.08 -29.98
C PRO B 34 -12.78 -22.61 -29.56
N ASN B 43 -7.07 -25.00 -22.34
CA ASN B 43 -7.56 -24.16 -21.25
C ASN B 43 -7.12 -22.69 -21.40
N GLU B 44 -6.94 -22.19 -22.64
CA GLU B 44 -6.54 -20.81 -22.88
C GLU B 44 -7.54 -20.13 -23.80
N VAL B 45 -7.87 -18.86 -23.52
CA VAL B 45 -8.78 -18.07 -24.34
C VAL B 45 -8.06 -16.76 -24.67
N ASN B 46 -8.01 -16.38 -25.96
CA ASN B 46 -7.35 -15.15 -26.37
C ASN B 46 -8.41 -14.09 -26.70
N PHE B 47 -8.26 -12.87 -26.16
CA PHE B 47 -9.17 -11.76 -26.39
C PHE B 47 -8.46 -10.67 -27.17
N ARG B 48 -8.66 -10.66 -28.49
CA ARG B 48 -7.97 -9.69 -29.36
C ARG B 48 -8.43 -8.24 -29.23
N GLU B 49 -9.54 -7.98 -28.55
CA GLU B 49 -10.06 -6.63 -28.39
C GLU B 49 -10.15 -6.15 -26.93
N ILE B 50 -9.84 -7.01 -25.94
CA ILE B 50 -9.93 -6.60 -24.54
C ILE B 50 -8.53 -6.30 -24.00
N PRO B 51 -8.17 -5.03 -23.70
CA PRO B 51 -6.83 -4.75 -23.14
C PRO B 51 -6.70 -5.18 -21.68
N SER B 52 -5.46 -5.25 -21.17
CA SER B 52 -5.19 -5.71 -19.82
C SER B 52 -5.81 -4.86 -18.70
N HIS B 53 -5.89 -3.53 -18.88
CA HIS B 53 -6.56 -2.68 -17.86
C HIS B 53 -8.07 -2.97 -17.73
N VAL B 54 -8.68 -3.61 -18.76
CA VAL B 54 -10.08 -4.01 -18.74
C VAL B 54 -10.15 -5.47 -18.28
N LEU B 55 -9.34 -6.36 -18.88
CA LEU B 55 -9.39 -7.78 -18.53
C LEU B 55 -9.02 -8.09 -17.07
N SER B 56 -8.10 -7.31 -16.47
CA SER B 56 -7.76 -7.47 -15.05
C SER B 56 -8.99 -7.15 -14.19
N LYS B 57 -9.77 -6.12 -14.57
CA LYS B 57 -11.01 -5.78 -13.84
C LYS B 57 -12.12 -6.81 -14.06
N VAL B 58 -12.16 -7.45 -15.24
CA VAL B 58 -13.12 -8.51 -15.52
C VAL B 58 -12.83 -9.70 -14.57
N CYS B 59 -11.54 -10.07 -14.39
CA CYS B 59 -11.15 -11.14 -13.48
C CYS B 59 -11.48 -10.81 -12.02
N MET B 60 -11.34 -9.53 -11.63
CA MET B 60 -11.70 -9.08 -10.27
C MET B 60 -13.21 -9.20 -10.09
N TYR B 61 -14.01 -8.97 -11.15
CA TYR B 61 -15.46 -9.13 -11.07
C TYR B 61 -15.81 -10.61 -10.83
N PHE B 62 -15.17 -11.56 -11.51
CA PHE B 62 -15.48 -12.98 -11.34
C PHE B 62 -15.32 -13.44 -9.89
N THR B 63 -14.20 -13.07 -9.25
CA THR B 63 -13.97 -13.47 -7.84
C THR B 63 -14.97 -12.72 -6.92
N TYR B 64 -15.29 -11.44 -7.21
CA TYR B 64 -16.29 -10.66 -6.47
C TYR B 64 -17.67 -11.34 -6.55
N LYS B 65 -18.05 -11.77 -7.75
CA LYS B 65 -19.32 -12.41 -8.02
C LYS B 65 -19.40 -13.77 -7.29
N VAL B 66 -18.37 -14.62 -7.44
CA VAL B 66 -18.37 -15.94 -6.80
C VAL B 66 -18.35 -15.81 -5.27
N ARG B 67 -17.59 -14.86 -4.72
CA ARG B 67 -17.53 -14.67 -3.27
C ARG B 67 -18.85 -14.16 -2.67
N TYR B 68 -19.47 -13.14 -3.28
CA TYR B 68 -20.64 -12.50 -2.69
C TYR B 68 -22.03 -12.97 -3.19
N THR B 69 -22.13 -13.77 -4.28
CA THR B 69 -23.46 -14.24 -4.72
C THR B 69 -23.96 -15.27 -3.70
N ASN B 70 -25.22 -15.12 -3.24
CA ASN B 70 -25.88 -15.99 -2.25
C ASN B 70 -25.35 -15.82 -0.81
N SER B 71 -24.41 -14.89 -0.56
CA SER B 71 -23.92 -14.65 0.79
C SER B 71 -24.92 -13.77 1.55
N SER B 72 -25.13 -14.06 2.85
CA SER B 72 -26.07 -13.30 3.69
C SER B 72 -25.37 -12.14 4.45
N THR B 73 -24.22 -11.66 3.94
CA THR B 73 -23.41 -10.61 4.58
C THR B 73 -23.55 -9.26 3.83
N GLU B 74 -22.97 -8.17 4.39
CA GLU B 74 -22.98 -6.85 3.78
C GLU B 74 -22.16 -6.93 2.49
N ILE B 75 -22.76 -6.52 1.36
CA ILE B 75 -22.12 -6.60 0.05
C ILE B 75 -21.41 -5.28 -0.27
N PRO B 76 -20.09 -5.28 -0.55
CA PRO B 76 -19.45 -4.01 -0.94
C PRO B 76 -19.73 -3.65 -2.40
N GLU B 77 -19.49 -2.40 -2.75
CA GLU B 77 -19.68 -1.93 -4.12
C GLU B 77 -18.54 -2.47 -5.00
N PHE B 78 -18.85 -2.80 -6.27
CA PHE B 78 -17.82 -3.20 -7.20
C PHE B 78 -17.34 -1.86 -7.82
N PRO B 79 -16.12 -1.36 -7.51
CA PRO B 79 -15.71 -0.04 -8.04
C PRO B 79 -15.23 -0.07 -9.49
N ILE B 80 -15.54 0.98 -10.26
CA ILE B 80 -15.11 1.11 -11.66
C ILE B 80 -14.67 2.54 -11.86
N ALA B 81 -13.39 2.78 -12.18
CA ALA B 81 -12.91 4.14 -12.40
C ALA B 81 -13.57 4.72 -13.67
N PRO B 82 -13.92 6.02 -13.72
CA PRO B 82 -14.52 6.57 -14.95
C PRO B 82 -13.74 6.32 -16.24
N GLU B 83 -12.39 6.23 -16.16
CA GLU B 83 -11.53 6.06 -17.33
C GLU B 83 -11.70 4.71 -18.02
N ILE B 84 -12.08 3.65 -17.27
CA ILE B 84 -12.25 2.31 -17.84
C ILE B 84 -13.72 1.92 -18.06
N ALA B 85 -14.68 2.66 -17.50
CA ALA B 85 -16.11 2.32 -17.55
C ALA B 85 -16.66 1.95 -18.93
N LEU B 86 -16.36 2.73 -19.98
CA LEU B 86 -16.92 2.46 -21.31
C LEU B 86 -16.36 1.19 -21.95
N GLU B 87 -15.04 0.94 -21.84
CA GLU B 87 -14.45 -0.27 -22.39
C GLU B 87 -14.85 -1.49 -21.57
N LEU B 88 -15.00 -1.34 -20.25
CA LEU B 88 -15.45 -2.43 -19.40
C LEU B 88 -16.91 -2.78 -19.75
N LEU B 89 -17.76 -1.79 -20.06
CA LEU B 89 -19.13 -2.00 -20.51
C LEU B 89 -19.13 -2.83 -21.80
N MET B 90 -18.26 -2.48 -22.76
CA MET B 90 -18.16 -3.18 -24.04
C MET B 90 -17.73 -4.64 -23.81
N ALA B 91 -16.73 -4.88 -22.93
CA ALA B 91 -16.25 -6.22 -22.60
C ALA B 91 -17.34 -7.04 -21.88
N ALA B 92 -18.03 -6.46 -20.88
CA ALA B 92 -19.10 -7.12 -20.14
C ALA B 92 -20.26 -7.49 -21.07
N ASN B 93 -20.56 -6.65 -22.07
CA ASN B 93 -21.61 -6.95 -23.02
C ASN B 93 -21.23 -8.15 -23.89
N PHE B 94 -19.97 -8.22 -24.33
CA PHE B 94 -19.49 -9.35 -25.14
C PHE B 94 -19.42 -10.64 -24.30
N LEU B 95 -18.97 -10.54 -23.04
CA LEU B 95 -18.80 -11.70 -22.17
C LEU B 95 -20.08 -12.16 -21.48
N ASP B 96 -21.10 -11.29 -21.35
CA ASP B 96 -22.37 -11.61 -20.69
C ASP B 96 -22.15 -11.94 -19.20
N MET C 1 -10.25 -15.50 8.26
CA MET C 1 -10.79 -14.65 7.21
C MET C 1 -9.94 -14.77 5.95
N ASP C 2 -10.57 -14.65 4.77
CA ASP C 2 -9.91 -14.78 3.46
C ASP C 2 -9.34 -13.48 2.93
N VAL C 3 -8.20 -13.59 2.22
CA VAL C 3 -7.49 -12.50 1.56
C VAL C 3 -7.44 -12.85 0.07
N PHE C 4 -7.66 -11.86 -0.79
CA PHE C 4 -7.70 -12.06 -2.23
C PHE C 4 -6.51 -11.36 -2.86
N LEU C 5 -5.71 -12.12 -3.64
CA LEU C 5 -4.44 -11.65 -4.17
C LEU C 5 -4.28 -11.77 -5.68
N MET C 6 -3.26 -11.07 -6.22
CA MET C 6 -2.82 -11.13 -7.61
C MET C 6 -1.33 -11.44 -7.52
N ILE C 7 -0.91 -12.69 -7.84
CA ILE C 7 0.52 -13.04 -7.81
C ILE C 7 1.02 -12.61 -9.19
N ARG C 8 1.92 -11.61 -9.28
CA ARG C 8 2.35 -11.08 -10.56
C ARG C 8 3.86 -11.27 -10.84
N ARG C 9 4.18 -11.68 -12.08
CA ARG C 9 5.55 -11.88 -12.60
C ARG C 9 5.53 -11.61 -14.10
N HIS C 10 6.39 -10.70 -14.58
CA HIS C 10 6.51 -10.33 -16.00
C HIS C 10 5.10 -9.97 -16.59
N LYS C 11 4.48 -10.84 -17.44
CA LYS C 11 3.16 -10.57 -17.99
C LYS C 11 2.17 -11.68 -17.61
N THR C 12 2.31 -12.27 -16.40
CA THR C 12 1.37 -13.29 -15.92
C THR C 12 0.84 -12.88 -14.53
N THR C 13 -0.47 -13.07 -14.28
CA THR C 13 -1.10 -12.72 -13.01
C THR C 13 -1.99 -13.86 -12.56
N ILE C 14 -1.81 -14.36 -11.33
CA ILE C 14 -2.65 -15.41 -10.76
C ILE C 14 -3.62 -14.77 -9.79
N PHE C 15 -4.91 -14.93 -10.03
CA PHE C 15 -5.93 -14.44 -9.10
C PHE C 15 -6.22 -15.62 -8.19
N THR C 16 -5.92 -15.47 -6.89
CA THR C 16 -6.17 -16.54 -5.92
C THR C 16 -6.53 -16.00 -4.54
N ASP C 17 -7.14 -16.86 -3.71
CA ASP C 17 -7.52 -16.54 -2.34
C ASP C 17 -6.76 -17.45 -1.37
N ALA C 18 -6.58 -16.97 -0.14
CA ALA C 18 -5.88 -17.69 0.92
C ALA C 18 -6.35 -17.18 2.30
N LYS C 19 -6.11 -17.93 3.38
CA LYS C 19 -6.50 -17.49 4.72
C LYS C 19 -5.46 -16.49 5.24
N GLU C 20 -5.91 -15.55 6.07
CA GLU C 20 -5.03 -14.54 6.69
C GLU C 20 -4.00 -15.23 7.63
N SER C 21 -4.37 -16.36 8.26
CA SER C 21 -3.49 -17.15 9.12
C SER C 21 -2.55 -18.09 8.34
N SER C 22 -2.76 -18.28 7.02
CA SER C 22 -1.89 -19.15 6.21
C SER C 22 -0.55 -18.47 5.98
N THR C 23 0.50 -19.27 5.75
CA THR C 23 1.86 -18.76 5.60
C THR C 23 2.26 -18.45 4.16
N VAL C 24 3.32 -17.65 4.01
CA VAL C 24 3.96 -17.31 2.73
C VAL C 24 4.41 -18.60 2.02
N PHE C 25 4.89 -19.61 2.79
CA PHE C 25 5.28 -20.90 2.23
C PHE C 25 4.09 -21.62 1.63
N GLU C 26 2.92 -21.61 2.32
CA GLU C 26 1.71 -22.24 1.79
C GLU C 26 1.23 -21.55 0.49
N LEU C 27 1.48 -20.23 0.34
CA LEU C 27 1.16 -19.49 -0.87
C LEU C 27 2.11 -19.92 -2.02
N LYS C 28 3.37 -20.28 -1.69
CA LYS C 28 4.31 -20.81 -2.69
C LYS C 28 3.86 -22.21 -3.15
N ARG C 29 3.23 -23.01 -2.27
CA ARG C 29 2.67 -24.32 -2.64
C ARG C 29 1.52 -24.15 -3.64
N ILE C 30 0.74 -23.07 -3.54
CA ILE C 30 -0.35 -22.77 -4.47
C ILE C 30 0.27 -22.42 -5.82
N VAL C 31 1.31 -21.58 -5.83
CA VAL C 31 2.01 -21.18 -7.05
C VAL C 31 2.64 -22.41 -7.74
N GLU C 32 3.15 -23.39 -6.95
CA GLU C 32 3.71 -24.63 -7.47
C GLU C 32 2.68 -25.42 -8.29
N GLY C 33 1.45 -25.53 -7.77
CA GLY C 33 0.40 -26.26 -8.47
C GLY C 33 -0.08 -25.63 -9.76
N ILE C 34 0.28 -24.35 -10.00
CA ILE C 34 -0.15 -23.60 -11.19
C ILE C 34 1.00 -23.46 -12.20
N LEU C 35 2.16 -22.91 -11.78
CA LEU C 35 3.31 -22.66 -12.66
C LEU C 35 4.39 -23.75 -12.62
N LYS C 36 4.18 -24.85 -11.87
CA LYS C 36 5.08 -26.01 -11.79
C LYS C 36 6.54 -25.67 -11.43
N ARG C 37 6.73 -24.77 -10.47
CA ARG C 37 8.07 -24.41 -9.96
C ARG C 37 8.03 -24.62 -8.42
N PRO C 38 9.02 -25.31 -7.80
CA PRO C 38 8.93 -25.57 -6.35
C PRO C 38 9.10 -24.33 -5.46
N PRO C 39 8.71 -24.35 -4.16
CA PRO C 39 8.90 -23.14 -3.33
C PRO C 39 10.33 -22.65 -3.18
N ASP C 40 11.32 -23.56 -3.17
CA ASP C 40 12.74 -23.18 -3.07
C ASP C 40 13.23 -22.40 -4.31
N GLU C 41 12.51 -22.47 -5.45
CA GLU C 41 12.83 -21.69 -6.65
C GLU C 41 11.90 -20.47 -6.76
N GLN C 42 11.42 -19.93 -5.62
CA GLN C 42 10.49 -18.80 -5.60
C GLN C 42 10.82 -17.76 -4.54
N ARG C 43 10.50 -16.51 -4.86
CA ARG C 43 10.64 -15.37 -3.95
C ARG C 43 9.39 -14.51 -4.11
N LEU C 44 8.64 -14.29 -3.02
CA LEU C 44 7.43 -13.47 -3.05
C LEU C 44 7.71 -12.14 -2.35
N TYR C 45 7.22 -11.03 -2.94
CA TYR C 45 7.44 -9.66 -2.47
C TYR C 45 6.14 -8.89 -2.27
N LYS C 46 6.21 -7.78 -1.51
CA LYS C 46 5.12 -6.83 -1.32
C LYS C 46 5.76 -5.46 -1.55
N ASP C 47 5.44 -4.81 -2.69
CA ASP C 47 6.03 -3.55 -3.14
C ASP C 47 7.52 -3.82 -3.54
N ASP C 48 8.46 -3.85 -2.56
CA ASP C 48 9.86 -4.18 -2.80
C ASP C 48 10.46 -5.07 -1.68
N GLN C 49 9.73 -5.35 -0.59
CA GLN C 49 10.23 -6.14 0.53
C GLN C 49 10.02 -7.63 0.29
N LEU C 50 11.10 -8.43 0.40
CA LEU C 50 11.01 -9.87 0.27
C LEU C 50 10.29 -10.43 1.51
N LEU C 51 9.37 -11.38 1.31
CA LEU C 51 8.60 -11.97 2.39
C LEU C 51 9.22 -13.26 2.90
N ASP C 52 9.35 -13.41 4.22
CA ASP C 52 9.90 -14.62 4.81
C ASP C 52 8.83 -15.73 4.80
N ASP C 53 9.25 -16.95 4.44
CA ASP C 53 8.39 -18.14 4.32
C ASP C 53 7.55 -18.52 5.56
N GLY C 54 8.05 -18.26 6.75
CA GLY C 54 7.36 -18.61 8.00
C GLY C 54 6.33 -17.63 8.53
N LYS C 55 6.16 -16.45 7.90
CA LYS C 55 5.18 -15.45 8.36
C LYS C 55 3.80 -15.71 7.80
N THR C 56 2.75 -15.30 8.53
CA THR C 56 1.38 -15.42 8.03
C THR C 56 1.16 -14.30 7.00
N LEU C 57 0.13 -14.42 6.16
CA LEU C 57 -0.16 -13.38 5.17
C LEU C 57 -0.64 -12.08 5.84
N GLY C 58 -1.30 -12.20 7.00
CA GLY C 58 -1.71 -11.06 7.80
C GLY C 58 -0.51 -10.31 8.36
N GLU C 59 0.53 -11.06 8.79
CA GLU C 59 1.78 -10.48 9.28
C GLU C 59 2.55 -9.74 8.16
N CYS C 60 2.27 -10.02 6.87
CA CYS C 60 2.88 -9.34 5.72
C CYS C 60 2.10 -8.09 5.27
N GLY C 61 0.84 -7.96 5.71
CA GLY C 61 0.00 -6.83 5.41
C GLY C 61 -1.17 -7.11 4.49
N PHE C 62 -1.42 -8.39 4.16
CA PHE C 62 -2.53 -8.79 3.31
C PHE C 62 -3.68 -9.15 4.26
N THR C 63 -4.66 -8.26 4.40
CA THR C 63 -5.81 -8.42 5.30
C THR C 63 -7.14 -8.18 4.53
N SER C 64 -8.31 -8.29 5.19
CA SER C 64 -9.59 -7.99 4.54
C SER C 64 -9.70 -6.54 4.04
N GLN C 65 -8.85 -5.62 4.54
CA GLN C 65 -8.89 -4.22 4.14
C GLN C 65 -8.03 -3.91 2.91
N THR C 66 -6.92 -4.62 2.72
CA THR C 66 -6.01 -4.39 1.59
C THR C 66 -6.12 -5.44 0.49
N ALA C 67 -6.68 -6.63 0.79
CA ALA C 67 -6.80 -7.73 -0.15
C ALA C 67 -8.25 -8.20 -0.23
N ARG C 68 -9.05 -7.55 -1.09
CA ARG C 68 -10.48 -7.81 -1.25
C ARG C 68 -10.78 -8.50 -2.60
N PRO C 69 -11.91 -9.23 -2.74
CA PRO C 69 -12.24 -9.82 -4.07
C PRO C 69 -12.27 -8.81 -5.24
N GLN C 70 -12.88 -7.63 -5.02
CA GLN C 70 -13.02 -6.54 -6.00
C GLN C 70 -11.82 -5.56 -6.05
N ALA C 71 -10.87 -5.69 -5.10
CA ALA C 71 -9.66 -4.87 -5.04
C ALA C 71 -8.52 -5.74 -4.45
N PRO C 72 -8.00 -6.73 -5.21
CA PRO C 72 -6.98 -7.63 -4.64
C PRO C 72 -5.59 -7.02 -4.47
N ALA C 73 -4.84 -7.48 -3.46
CA ALA C 73 -3.48 -7.00 -3.19
C ALA C 73 -2.50 -7.73 -4.11
N THR C 74 -1.43 -7.04 -4.51
CA THR C 74 -0.43 -7.62 -5.41
C THR C 74 0.70 -8.29 -4.61
N VAL C 75 1.13 -9.49 -5.04
CA VAL C 75 2.25 -10.23 -4.45
C VAL C 75 3.20 -10.43 -5.62
N GLY C 76 4.38 -9.82 -5.56
CA GLY C 76 5.37 -9.97 -6.62
C GLY C 76 6.01 -11.34 -6.58
N LEU C 77 6.38 -11.89 -7.75
CA LEU C 77 6.97 -13.22 -7.84
C LEU C 77 8.21 -13.17 -8.75
N ALA C 78 9.33 -13.79 -8.31
CA ALA C 78 10.58 -13.86 -9.05
C ALA C 78 11.10 -15.30 -8.92
N PHE C 79 11.35 -16.00 -10.04
CA PHE C 79 11.81 -17.39 -10.01
C PHE C 79 13.34 -17.53 -9.99
N ARG C 80 13.83 -18.69 -9.52
CA ARG C 80 15.25 -18.97 -9.50
C ARG C 80 15.69 -19.53 -10.85
N ALA C 81 16.73 -18.93 -11.44
CA ALA C 81 17.29 -19.33 -12.72
C ALA C 81 18.75 -19.73 -12.54
N ASP C 82 19.01 -21.04 -12.39
CA ASP C 82 20.36 -21.60 -12.20
C ASP C 82 21.10 -21.04 -10.98
N ASP C 83 20.70 -21.47 -9.77
CA ASP C 83 21.33 -21.09 -8.49
C ASP C 83 21.36 -19.56 -8.20
N THR C 84 20.59 -18.74 -8.91
CA THR C 84 20.54 -17.30 -8.68
C THR C 84 19.13 -16.77 -9.02
N PHE C 85 18.62 -15.83 -8.23
CA PHE C 85 17.29 -15.28 -8.46
C PHE C 85 17.33 -14.07 -9.38
N GLU C 86 16.37 -14.00 -10.30
CA GLU C 86 16.25 -12.86 -11.20
C GLU C 86 15.72 -11.64 -10.43
N ALA C 87 15.93 -10.43 -10.97
CA ALA C 87 15.42 -9.22 -10.35
C ALA C 87 13.89 -9.20 -10.52
N LEU C 88 13.15 -8.74 -9.50
CA LEU C 88 11.69 -8.68 -9.57
C LEU C 88 11.27 -7.73 -10.68
N CYS C 89 10.53 -8.25 -11.67
CA CYS C 89 10.07 -7.48 -12.81
C CYS C 89 8.59 -7.79 -13.04
N ILE C 90 7.72 -6.79 -12.83
CA ILE C 90 6.28 -6.93 -13.05
C ILE C 90 5.95 -5.91 -14.12
N GLU C 91 5.48 -6.36 -15.30
CA GLU C 91 5.12 -5.44 -16.37
C GLU C 91 3.77 -4.82 -16.04
N PRO C 92 3.60 -3.48 -16.08
CA PRO C 92 2.28 -2.91 -15.76
C PRO C 92 1.25 -3.16 -16.85
N PHE C 93 -0.03 -2.99 -16.49
CA PHE C 93 -1.12 -3.15 -17.45
C PHE C 93 -1.18 -1.91 -18.38
N SER C 94 -1.93 -2.03 -19.48
CA SER C 94 -2.08 -0.93 -20.44
C SER C 94 -2.74 0.28 -19.78
N SER C 95 -2.48 1.46 -20.32
CA SER C 95 -3.06 2.69 -19.79
C SER C 95 -4.42 2.92 -20.44
N PRO C 96 -5.49 3.31 -19.72
CA PRO C 96 -6.78 3.56 -20.41
C PRO C 96 -6.70 4.76 -21.38
N PRO C 97 -7.60 4.88 -22.38
CA PRO C 97 -7.53 6.05 -23.27
C PRO C 97 -8.00 7.34 -22.58
N GLU C 98 -7.90 8.49 -23.28
CA GLU C 98 -8.40 9.76 -22.70
C GLU C 98 -9.91 9.64 -22.44
N LEU C 99 -10.39 10.20 -21.33
CA LEU C 99 -11.80 10.14 -20.95
C LEU C 99 -12.67 10.78 -22.06
N PRO C 100 -13.67 10.09 -22.66
CA PRO C 100 -14.44 10.74 -23.76
C PRO C 100 -15.01 12.11 -23.41
N ASP C 101 -15.28 12.93 -24.42
CA ASP C 101 -15.80 14.29 -24.21
C ASP C 101 -17.11 14.28 -23.42
N VAL C 102 -18.04 13.37 -23.76
CA VAL C 102 -19.34 13.29 -23.10
C VAL C 102 -19.25 12.79 -21.65
N MET C 103 -18.20 12.07 -21.29
CA MET C 103 -18.02 11.58 -19.91
C MET C 103 -17.32 12.62 -19.03
N LYS C 104 -16.48 13.50 -19.63
CA LYS C 104 -15.79 14.56 -18.90
C LYS C 104 -16.78 15.54 -18.26
N VAL D 11 50.25 4.78 20.18
CA VAL D 11 49.10 4.97 21.06
C VAL D 11 48.03 3.92 20.75
N LEU D 12 47.57 3.86 19.48
CA LEU D 12 46.57 2.88 19.06
C LEU D 12 47.28 1.74 18.34
N ARG D 13 47.44 0.61 19.03
CA ARG D 13 48.06 -0.60 18.48
C ARG D 13 47.67 -1.82 19.32
N SER D 14 47.85 -3.02 18.76
CA SER D 14 47.58 -4.25 19.49
C SER D 14 48.68 -4.48 20.53
N VAL D 15 48.35 -5.11 21.66
CA VAL D 15 49.37 -5.44 22.66
C VAL D 15 49.77 -6.90 22.38
N ASN D 16 51.08 -7.20 22.38
CA ASN D 16 51.54 -8.56 22.09
C ASN D 16 51.43 -9.44 23.34
N SER D 17 50.18 -9.73 23.75
CA SER D 17 49.87 -10.52 24.93
C SER D 17 50.07 -12.01 24.75
N ARG D 18 49.87 -12.54 23.51
CA ARG D 18 49.98 -13.96 23.20
C ARG D 18 48.99 -14.83 24.02
N GLU D 19 47.85 -14.23 24.44
CA GLU D 19 46.82 -14.90 25.24
C GLU D 19 45.64 -15.15 24.29
N PRO D 20 45.38 -16.39 23.81
CA PRO D 20 44.28 -16.58 22.86
C PRO D 20 42.89 -16.16 23.34
N SER D 21 42.06 -15.69 22.40
CA SER D 21 40.70 -15.24 22.65
C SER D 21 39.85 -15.53 21.41
N GLN D 22 38.79 -16.34 21.56
CA GLN D 22 37.89 -16.68 20.47
C GLN D 22 36.84 -15.59 20.36
N VAL D 23 36.58 -15.12 19.14
CA VAL D 23 35.68 -14.01 18.87
C VAL D 23 34.70 -14.40 17.76
N ILE D 24 33.44 -13.95 17.84
CA ILE D 24 32.49 -14.13 16.76
C ILE D 24 32.37 -12.78 16.06
N PHE D 25 32.82 -12.67 14.80
CA PHE D 25 32.62 -11.44 14.04
C PHE D 25 31.23 -11.60 13.46
N CYS D 26 30.25 -10.84 13.96
CA CYS D 26 28.87 -10.96 13.52
C CYS D 26 28.46 -9.73 12.71
N ASN D 27 28.31 -9.89 11.39
CA ASN D 27 27.95 -8.79 10.51
C ASN D 27 26.45 -8.52 10.56
N ARG D 28 26.04 -7.57 11.43
CA ARG D 28 24.62 -7.16 11.58
C ARG D 28 24.36 -5.87 10.76
N SER D 29 24.93 -5.78 9.55
CA SER D 29 24.78 -4.61 8.70
C SER D 29 24.48 -5.05 7.23
N PRO D 30 23.99 -4.16 6.31
CA PRO D 30 23.77 -4.60 4.93
C PRO D 30 25.03 -4.50 4.04
N ARG D 31 26.20 -4.15 4.62
CA ARG D 31 27.44 -3.96 3.86
C ARG D 31 28.33 -5.18 3.90
N VAL D 32 29.24 -5.30 2.92
CA VAL D 32 30.27 -6.35 2.94
C VAL D 32 31.31 -5.75 3.90
N VAL D 33 31.59 -6.42 5.03
CA VAL D 33 32.50 -5.88 6.05
C VAL D 33 33.94 -6.35 5.89
N LEU D 34 34.89 -5.40 5.95
CA LEU D 34 36.31 -5.66 5.93
C LEU D 34 36.82 -5.56 7.39
N PRO D 35 37.15 -6.66 8.08
CA PRO D 35 37.79 -6.53 9.40
C PRO D 35 39.23 -6.02 9.20
N VAL D 36 39.67 -5.10 10.05
CA VAL D 36 41.01 -4.53 9.97
C VAL D 36 41.70 -4.69 11.33
N TRP D 37 42.85 -5.36 11.38
CA TRP D 37 43.60 -5.57 12.62
C TRP D 37 44.76 -4.57 12.67
N LEU D 38 44.90 -3.81 13.77
CA LEU D 38 46.02 -2.86 13.89
C LEU D 38 47.16 -3.65 14.51
N ASN D 39 48.29 -3.79 13.78
CA ASN D 39 49.41 -4.59 14.25
C ASN D 39 50.15 -3.91 15.44
N PHE D 40 51.25 -4.51 15.92
CA PHE D 40 51.98 -3.97 17.07
C PHE D 40 52.66 -2.62 16.79
N ASP D 41 52.73 -2.18 15.51
CA ASP D 41 53.23 -0.85 15.14
C ASP D 41 52.08 0.16 14.81
N GLY D 42 50.82 -0.24 15.03
CA GLY D 42 49.67 0.60 14.78
C GLY D 42 49.22 0.68 13.33
N GLU D 43 49.76 -0.19 12.45
CA GLU D 43 49.42 -0.15 11.03
C GLU D 43 48.27 -1.09 10.71
N PRO D 44 47.29 -0.68 9.89
CA PRO D 44 46.15 -1.57 9.61
C PRO D 44 46.42 -2.70 8.61
N GLN D 45 45.97 -3.93 8.93
CA GLN D 45 46.12 -5.09 8.05
C GLN D 45 44.73 -5.57 7.65
N PRO D 46 44.41 -5.72 6.34
CA PRO D 46 43.08 -6.22 5.99
C PRO D 46 42.94 -7.72 6.21
N TYR D 47 41.77 -8.17 6.64
CA TYR D 47 41.48 -9.59 6.86
C TYR D 47 40.32 -10.05 5.92
N PRO D 48 40.04 -11.38 5.75
CA PRO D 48 38.93 -11.76 4.83
C PRO D 48 37.62 -11.02 5.10
N THR D 49 36.83 -10.77 4.05
CA THR D 49 35.59 -10.01 4.18
C THR D 49 34.40 -10.90 4.63
N LEU D 50 33.38 -10.26 5.23
CA LEU D 50 32.17 -10.95 5.67
C LEU D 50 30.97 -10.49 4.87
N PRO D 51 30.27 -11.35 4.09
CA PRO D 51 29.04 -10.86 3.41
C PRO D 51 27.98 -10.37 4.41
N PRO D 52 26.97 -9.55 4.00
CA PRO D 52 25.96 -9.10 4.99
C PRO D 52 25.21 -10.23 5.71
N GLY D 53 24.97 -10.05 6.99
CA GLY D 53 24.24 -11.02 7.81
C GLY D 53 24.97 -12.31 8.17
N THR D 54 26.28 -12.39 7.91
CA THR D 54 27.05 -13.60 8.20
C THR D 54 27.87 -13.45 9.49
N GLY D 55 28.27 -14.59 10.05
CA GLY D 55 29.08 -14.64 11.25
C GLY D 55 30.21 -15.63 11.10
N ARG D 56 31.38 -15.33 11.69
CA ARG D 56 32.55 -16.19 11.61
C ARG D 56 33.16 -16.31 12.99
N ARG D 57 33.50 -17.54 13.41
CA ARG D 57 34.18 -17.76 14.68
C ARG D 57 35.67 -17.69 14.35
N ILE D 58 36.37 -16.67 14.86
CA ILE D 58 37.78 -16.42 14.54
C ILE D 58 38.69 -16.48 15.77
N HIS D 59 39.98 -16.79 15.53
CA HIS D 59 40.99 -16.85 16.58
C HIS D 59 41.74 -15.52 16.66
N SER D 60 41.67 -14.85 17.81
CA SER D 60 42.37 -13.59 18.04
C SER D 60 43.07 -13.65 19.43
N TYR D 61 43.58 -12.51 19.97
CA TYR D 61 44.27 -12.47 21.26
C TYR D 61 43.79 -11.29 22.09
N ARG D 62 43.95 -11.39 23.41
CA ARG D 62 43.55 -10.30 24.32
C ARG D 62 44.41 -9.07 24.06
N GLY D 63 43.79 -7.90 24.12
CA GLY D 63 44.48 -6.64 23.87
C GLY D 63 44.70 -6.31 22.40
N HIS D 64 44.25 -7.18 21.46
CA HIS D 64 44.39 -6.91 20.04
C HIS D 64 43.34 -5.93 19.58
N LEU D 65 43.74 -4.92 18.79
CA LEU D 65 42.84 -3.87 18.35
C LEU D 65 42.30 -4.13 16.96
N TRP D 66 40.96 -4.07 16.82
CA TRP D 66 40.26 -4.28 15.57
C TRP D 66 39.31 -3.12 15.26
N LEU D 67 39.11 -2.87 13.98
CA LEU D 67 38.13 -1.89 13.49
C LEU D 67 37.52 -2.47 12.23
N PHE D 68 36.29 -2.03 11.87
CA PHE D 68 35.57 -2.62 10.74
C PHE D 68 35.09 -1.55 9.79
N ARG D 69 35.25 -1.80 8.49
CA ARG D 69 34.89 -0.85 7.43
C ARG D 69 34.10 -1.55 6.32
N ASP D 70 33.45 -0.77 5.44
CA ASP D 70 32.80 -1.32 4.26
C ASP D 70 33.95 -1.76 3.33
N ALA D 71 33.91 -2.99 2.83
CA ALA D 71 34.99 -3.53 2.01
C ALA D 71 35.19 -2.85 0.66
N GLY D 72 34.14 -2.26 0.10
CA GLY D 72 34.22 -1.59 -1.19
C GLY D 72 34.56 -0.11 -1.12
N THR D 73 34.01 0.62 -0.14
CA THR D 73 34.19 2.07 -0.02
C THR D 73 34.98 2.55 1.19
N HIS D 74 35.25 1.68 2.16
CA HIS D 74 35.97 1.99 3.40
C HIS D 74 35.17 2.90 4.35
N ASP D 75 33.83 2.99 4.19
CA ASP D 75 32.97 3.73 5.13
C ASP D 75 33.13 3.12 6.54
N GLY D 76 33.18 3.95 7.56
CA GLY D 76 33.36 3.49 8.92
C GLY D 76 32.13 2.77 9.44
N LEU D 77 32.33 1.71 10.24
CA LEU D 77 31.25 0.95 10.85
C LEU D 77 31.51 0.80 12.35
N LEU D 78 30.44 0.58 13.13
CA LEU D 78 30.57 0.40 14.57
C LEU D 78 30.67 -1.09 14.90
N VAL D 79 31.26 -1.39 16.06
CA VAL D 79 31.41 -2.75 16.57
C VAL D 79 31.05 -2.65 18.05
N ASN D 80 29.93 -3.29 18.47
CA ASN D 80 29.41 -3.20 19.84
C ASN D 80 29.17 -1.73 20.23
N GLN D 81 28.57 -0.93 19.31
CA GLN D 81 28.22 0.48 19.50
C GLN D 81 29.39 1.46 19.57
N THR D 82 30.63 1.02 19.30
CA THR D 82 31.79 1.92 19.36
C THR D 82 32.72 1.67 18.15
N GLU D 83 33.77 2.50 17.98
CA GLU D 83 34.64 2.40 16.80
C GLU D 83 35.70 1.30 16.86
N LEU D 84 36.22 0.94 18.04
CA LEU D 84 37.26 -0.08 18.17
C LEU D 84 36.81 -1.28 18.99
N PHE D 85 37.37 -2.46 18.69
CA PHE D 85 37.07 -3.69 19.41
C PHE D 85 38.37 -4.32 19.91
N VAL D 86 38.40 -4.69 21.19
CA VAL D 86 39.55 -5.33 21.83
C VAL D 86 39.07 -6.66 22.43
N PRO D 87 39.52 -7.86 21.98
CA PRO D 87 39.04 -9.09 22.63
C PRO D 87 39.52 -9.18 24.08
N SER D 88 38.66 -9.72 24.94
CA SER D 88 38.94 -9.91 26.37
C SER D 88 39.01 -11.44 26.67
N LEU D 89 39.21 -11.85 27.94
CA LEU D 89 39.27 -13.26 28.29
C LEU D 89 37.92 -13.94 28.04
N ASN D 90 37.92 -15.19 27.55
CA ASN D 90 36.69 -15.94 27.32
C ASN D 90 36.23 -16.56 28.64
N VAL D 91 35.08 -16.10 29.17
CA VAL D 91 34.54 -16.62 30.43
C VAL D 91 33.53 -17.76 30.13
N ASP D 92 33.53 -18.82 30.96
CA ASP D 92 32.66 -20.00 30.84
C ASP D 92 32.68 -20.67 29.45
N GLY D 93 33.85 -20.70 28.80
CA GLY D 93 34.00 -21.31 27.48
C GLY D 93 33.08 -20.72 26.42
N GLN D 94 32.90 -19.39 26.45
CA GLN D 94 32.02 -18.66 25.54
C GLN D 94 32.86 -17.70 24.70
N PRO D 95 32.64 -17.56 23.37
CA PRO D 95 33.41 -16.55 22.62
C PRO D 95 32.87 -15.14 22.84
N ILE D 96 33.68 -14.14 22.52
CA ILE D 96 33.30 -12.73 22.67
C ILE D 96 32.60 -12.32 21.37
N PHE D 97 31.42 -11.70 21.45
CA PHE D 97 30.72 -11.26 20.24
C PHE D 97 31.16 -9.86 19.83
N ALA D 98 31.49 -9.69 18.55
CA ALA D 98 31.82 -8.42 17.93
C ALA D 98 30.71 -8.15 16.92
N ASN D 99 29.68 -7.42 17.34
CA ASN D 99 28.53 -7.09 16.51
C ASN D 99 28.80 -5.86 15.66
N ILE D 100 29.01 -6.06 14.36
CA ILE D 100 29.30 -4.98 13.43
C ILE D 100 27.98 -4.42 12.90
N THR D 101 27.73 -3.13 13.11
CA THR D 101 26.49 -2.50 12.69
C THR D 101 26.78 -1.19 11.95
N LEU D 102 25.80 -0.72 11.18
CA LEU D 102 25.92 0.57 10.52
C LEU D 102 25.81 1.65 11.59
N PRO D 103 26.55 2.76 11.53
CA PRO D 103 26.21 3.88 12.42
C PRO D 103 25.00 4.63 11.83
N VAL D 104 24.47 5.61 12.56
CA VAL D 104 23.42 6.46 12.03
C VAL D 104 24.21 7.58 11.39
N TYR D 105 24.44 7.48 10.09
CA TYR D 105 25.21 8.50 9.39
C TYR D 105 24.42 9.79 9.34
N THR D 106 25.11 10.94 9.17
CA THR D 106 24.41 12.21 8.95
C THR D 106 23.83 12.11 7.53
N LEU D 107 22.74 12.85 7.22
CA LEU D 107 22.16 12.81 5.88
C LEU D 107 23.19 13.23 4.82
N LYS D 108 24.00 14.25 5.14
CA LYS D 108 25.06 14.70 4.23
C LYS D 108 26.07 13.58 3.94
N GLU D 109 26.52 12.82 4.96
CA GLU D 109 27.48 11.74 4.74
C GLU D 109 26.88 10.61 3.90
N ARG D 110 25.62 10.25 4.17
CA ARG D 110 24.96 9.20 3.39
C ARG D 110 24.79 9.66 1.93
N CYS D 111 24.45 10.94 1.70
CA CYS D 111 24.35 11.50 0.36
C CYS D 111 25.70 11.44 -0.35
N LEU D 112 26.79 11.80 0.37
CA LEU D 112 28.14 11.73 -0.21
C LEU D 112 28.49 10.29 -0.59
N GLN D 113 28.09 9.32 0.23
CA GLN D 113 28.33 7.91 -0.06
C GLN D 113 27.67 7.46 -1.37
N VAL D 114 26.42 7.90 -1.62
CA VAL D 114 25.69 7.49 -2.82
C VAL D 114 26.22 8.23 -4.06
N VAL D 115 26.52 9.53 -3.94
CA VAL D 115 27.08 10.28 -5.07
C VAL D 115 28.47 9.72 -5.44
N ARG D 116 29.28 9.34 -4.46
CA ARG D 116 30.60 8.74 -4.74
C ARG D 116 30.47 7.38 -5.44
N SER D 117 29.43 6.59 -5.08
CA SER D 117 29.20 5.29 -5.72
C SER D 117 28.71 5.40 -7.17
N LEU D 118 28.29 6.59 -7.63
CA LEU D 118 27.78 6.80 -8.98
C LEU D 118 28.70 7.62 -9.87
N VAL D 119 29.65 8.36 -9.30
CA VAL D 119 30.57 9.20 -10.07
C VAL D 119 32.02 8.75 -9.81
N LYS D 120 32.84 8.60 -10.87
CA LYS D 120 34.25 8.26 -10.74
C LYS D 120 34.98 9.48 -10.14
N PRO D 121 36.00 9.31 -9.27
CA PRO D 121 36.65 10.50 -8.68
C PRO D 121 37.04 11.62 -9.65
N GLU D 122 37.56 11.28 -10.84
CA GLU D 122 37.95 12.30 -11.83
C GLU D 122 36.80 13.18 -12.38
N ASN D 123 35.53 12.82 -12.12
CA ASN D 123 34.37 13.55 -12.63
C ASN D 123 33.55 14.31 -11.54
N TYR D 124 34.06 14.43 -10.29
CA TYR D 124 33.31 15.15 -9.25
C TYR D 124 33.17 16.65 -9.60
N ARG D 125 34.22 17.27 -10.18
CA ARG D 125 34.23 18.69 -10.57
C ARG D 125 33.25 18.99 -11.73
N ARG D 126 32.82 17.95 -12.49
CA ARG D 126 31.83 18.12 -13.57
C ARG D 126 30.40 18.32 -13.03
N LEU D 127 30.14 18.07 -11.73
CA LEU D 127 28.80 18.24 -11.15
C LEU D 127 28.53 19.71 -10.86
N ASP D 128 27.27 20.18 -11.08
CA ASP D 128 26.93 21.59 -10.83
C ASP D 128 26.52 21.77 -9.37
N ILE D 129 27.54 21.80 -8.49
CA ILE D 129 27.37 21.96 -7.03
C ILE D 129 28.39 22.97 -6.49
N VAL D 130 28.17 23.48 -5.27
CA VAL D 130 29.08 24.45 -4.65
C VAL D 130 30.47 23.83 -4.45
N ARG D 131 31.50 24.69 -4.44
CA ARG D 131 32.90 24.28 -4.31
C ARG D 131 33.17 23.41 -3.09
N SER D 132 32.59 23.76 -1.93
CA SER D 132 32.81 23.01 -0.70
C SER D 132 32.33 21.55 -0.83
N LEU D 133 31.30 21.29 -1.67
CA LEU D 133 30.80 19.95 -1.88
C LEU D 133 31.75 19.09 -2.74
N TYR D 134 32.60 19.71 -3.59
CA TYR D 134 33.61 18.96 -4.34
C TYR D 134 34.64 18.42 -3.35
N GLU D 135 35.09 19.27 -2.41
CA GLU D 135 36.06 18.93 -1.37
C GLU D 135 35.50 17.84 -0.48
N ASP D 136 34.20 17.93 -0.10
CA ASP D 136 33.55 16.92 0.73
C ASP D 136 33.53 15.56 0.01
N LEU D 137 33.19 15.54 -1.30
CA LEU D 137 33.19 14.30 -2.07
C LEU D 137 34.58 13.67 -2.17
N GLU D 138 35.62 14.51 -2.33
CA GLU D 138 37.00 14.04 -2.47
C GLU D 138 37.58 13.50 -1.16
N ASP D 139 37.08 13.95 -0.01
CA ASP D 139 37.58 13.49 1.28
C ASP D 139 36.97 12.12 1.58
N HIS D 140 37.45 11.08 0.88
CA HIS D 140 36.93 9.73 1.01
C HIS D 140 37.19 9.15 2.39
N PRO D 141 36.38 8.16 2.88
CA PRO D 141 36.68 7.56 4.19
C PRO D 141 38.08 6.94 4.21
N ASN D 142 38.86 7.23 5.23
CA ASN D 142 40.24 6.79 5.29
C ASN D 142 40.53 6.27 6.68
N VAL D 143 41.02 5.02 6.79
CA VAL D 143 41.34 4.43 8.07
C VAL D 143 42.46 5.23 8.78
N GLN D 144 43.51 5.65 8.04
CA GLN D 144 44.60 6.41 8.66
C GLN D 144 44.14 7.76 9.25
N LYS D 145 43.22 8.47 8.58
CA LYS D 145 42.70 9.75 9.07
C LYS D 145 41.88 9.58 10.35
N ASP D 146 40.98 8.59 10.41
CA ASP D 146 40.17 8.32 11.60
C ASP D 146 41.01 7.82 12.78
N LEU D 147 42.12 7.08 12.52
CA LEU D 147 43.00 6.64 13.60
C LEU D 147 43.69 7.85 14.23
N GLU D 148 44.06 8.86 13.43
CA GLU D 148 44.69 10.08 13.94
C GLU D 148 43.68 10.82 14.83
N ARG D 149 42.42 10.93 14.37
CA ARG D 149 41.33 11.54 15.14
C ARG D 149 41.13 10.81 16.48
N LEU D 150 41.14 9.47 16.46
CA LEU D 150 40.97 8.65 17.67
C LEU D 150 42.15 8.77 18.65
N THR D 151 43.40 8.98 18.17
CA THR D 151 44.53 9.19 19.10
C THR D 151 44.34 10.57 19.75
N GLN D 152 43.93 11.59 18.96
CA GLN D 152 43.69 12.94 19.47
C GLN D 152 42.60 12.93 20.53
N GLU D 153 41.51 12.17 20.31
CA GLU D 153 40.42 12.06 21.27
C GLU D 153 40.89 11.40 22.57
N ARG D 154 41.64 10.29 22.48
CA ARG D 154 42.13 9.57 23.67
C ARG D 154 43.12 10.39 24.50
N ILE D 155 44.09 11.08 23.87
CA ILE D 155 45.06 11.87 24.63
C ILE D 155 44.37 13.08 25.32
N ALA D 156 43.46 13.78 24.62
CA ALA D 156 42.73 14.90 25.21
C ALA D 156 41.49 14.42 25.96
N MET E 1 1.07 16.88 20.62
CA MET E 1 2.48 17.03 20.27
C MET E 1 2.68 18.26 19.37
N MET E 2 3.84 18.91 19.48
CA MET E 2 4.13 20.14 18.72
C MET E 2 4.65 19.78 17.32
N TYR E 3 4.11 20.48 16.30
CA TYR E 3 4.41 20.26 14.89
C TYR E 3 4.78 21.58 14.20
N VAL E 4 5.51 21.49 13.08
CA VAL E 4 5.94 22.61 12.25
C VAL E 4 5.62 22.29 10.77
N LYS E 5 5.50 23.31 9.94
CA LYS E 5 5.21 23.16 8.51
C LYS E 5 6.45 23.56 7.71
N LEU E 6 6.93 22.67 6.81
CA LEU E 6 8.07 22.94 5.95
C LEU E 6 7.52 22.97 4.52
N ILE E 7 7.61 24.10 3.85
CA ILE E 7 7.06 24.26 2.50
C ILE E 7 8.18 24.16 1.47
N SER E 8 8.01 23.30 0.46
CA SER E 8 8.97 23.13 -0.62
C SER E 8 8.83 24.25 -1.68
N SER E 9 9.79 24.35 -2.62
CA SER E 9 9.74 25.36 -3.67
C SER E 9 8.53 25.19 -4.59
N ASP E 10 8.09 23.95 -4.82
CA ASP E 10 6.92 23.67 -5.66
C ASP E 10 5.58 23.70 -4.89
N GLY E 11 5.55 24.31 -3.70
CA GLY E 11 4.32 24.46 -2.94
C GLY E 11 3.80 23.33 -2.06
N HIS E 12 4.51 22.17 -1.94
CA HIS E 12 4.05 21.10 -1.05
C HIS E 12 4.34 21.48 0.41
N GLU E 13 3.38 21.23 1.31
CA GLU E 13 3.51 21.52 2.73
C GLU E 13 3.75 20.21 3.46
N PHE E 14 4.82 20.13 4.24
CA PHE E 14 5.18 18.93 5.00
C PHE E 14 5.03 19.26 6.47
N ILE E 15 4.07 18.64 7.15
CA ILE E 15 3.84 18.87 8.57
C ILE E 15 4.61 17.78 9.31
N VAL E 16 5.61 18.17 10.10
CA VAL E 16 6.49 17.25 10.83
C VAL E 16 6.55 17.64 12.30
N LYS E 17 6.88 16.70 13.17
CA LYS E 17 7.02 16.98 14.61
C LYS E 17 8.18 17.98 14.80
N ARG E 18 8.00 18.99 15.67
CA ARG E 18 9.02 20.01 15.91
C ARG E 18 10.35 19.39 16.34
N GLU E 19 10.31 18.40 17.25
CA GLU E 19 11.50 17.71 17.72
C GLU E 19 12.29 17.07 16.55
N HIS E 20 11.56 16.49 15.59
CA HIS E 20 12.16 15.86 14.42
C HIS E 20 12.81 16.89 13.50
N ALA E 21 12.11 17.99 13.22
CA ALA E 21 12.64 19.05 12.37
C ALA E 21 13.87 19.73 13.01
N LEU E 22 13.96 19.76 14.36
CA LEU E 22 15.12 20.33 15.06
C LEU E 22 16.42 19.49 14.88
N THR E 23 16.37 18.38 14.10
CA THR E 23 17.55 17.59 13.72
C THR E 23 18.49 18.51 12.91
N SER E 24 17.93 19.34 12.03
CA SER E 24 18.65 20.33 11.24
C SER E 24 18.92 21.57 12.10
N GLY E 25 20.17 22.01 12.15
CA GLY E 25 20.56 23.23 12.85
C GLY E 25 20.01 24.47 12.17
N THR E 26 19.93 24.44 10.82
CA THR E 26 19.38 25.55 10.03
C THR E 26 17.91 25.76 10.35
N ILE E 27 17.11 24.68 10.40
CA ILE E 27 15.67 24.78 10.73
C ILE E 27 15.51 25.33 12.17
N LYS E 28 16.32 24.86 13.14
CA LYS E 28 16.27 25.35 14.51
C LYS E 28 16.48 26.87 14.57
N ALA E 29 17.48 27.40 13.82
CA ALA E 29 17.75 28.84 13.76
C ALA E 29 16.62 29.61 13.06
N MET E 30 16.00 29.04 12.00
CA MET E 30 14.88 29.68 11.31
C MET E 30 13.62 29.75 12.20
N LEU E 31 13.44 28.79 13.12
CA LEU E 31 12.31 28.80 14.06
C LEU E 31 12.62 29.65 15.31
N SER E 32 13.91 29.83 15.68
CA SER E 32 14.34 30.64 16.82
C SER E 32 14.03 32.13 16.66
N GLY E 33 14.06 32.65 15.42
CA GLY E 33 13.74 34.06 15.14
C GLY E 33 12.94 34.06 13.78
N ASN E 43 5.40 28.92 13.09
CA ASN E 43 5.88 27.55 13.00
C ASN E 43 5.95 27.05 11.54
N GLU E 44 6.22 27.96 10.58
CA GLU E 44 6.35 27.59 9.16
C GLU E 44 7.69 28.05 8.61
N VAL E 45 8.33 27.22 7.78
CA VAL E 45 9.60 27.54 7.15
C VAL E 45 9.42 27.29 5.66
N ASN E 46 9.79 28.28 4.81
CA ASN E 46 9.67 28.14 3.37
C ASN E 46 11.05 27.90 2.75
N PHE E 47 11.17 26.89 1.89
CA PHE E 47 12.41 26.53 1.20
C PHE E 47 12.28 26.80 -0.27
N ARG E 48 12.78 27.95 -0.73
CA ARG E 48 12.64 28.35 -2.12
C ARG E 48 13.48 27.57 -3.13
N GLU E 49 14.43 26.75 -2.67
CA GLU E 49 15.30 25.98 -3.56
C GLU E 49 15.19 24.46 -3.35
N ILE E 50 14.42 23.98 -2.36
CA ILE E 50 14.31 22.53 -2.12
C ILE E 50 12.99 22.02 -2.71
N PRO E 51 12.99 21.20 -3.79
CA PRO E 51 11.71 20.68 -4.30
C PRO E 51 11.13 19.56 -3.44
N SER E 52 9.85 19.24 -3.65
CA SER E 52 9.14 18.24 -2.84
C SER E 52 9.72 16.82 -2.89
N HIS E 53 10.26 16.38 -4.03
CA HIS E 53 10.90 15.06 -4.11
C HIS E 53 12.18 14.98 -3.23
N VAL E 54 12.77 16.13 -2.86
CA VAL E 54 13.93 16.19 -1.99
C VAL E 54 13.45 16.42 -0.56
N LEU E 55 12.55 17.40 -0.35
CA LEU E 55 12.08 17.73 1.00
C LEU E 55 11.32 16.57 1.67
N SER E 56 10.58 15.76 0.91
CA SER E 56 9.89 14.59 1.47
C SER E 56 10.94 13.59 2.00
N LYS E 57 12.07 13.42 1.29
CA LYS E 57 13.16 12.53 1.74
C LYS E 57 13.90 13.11 2.95
N VAL E 58 14.00 14.45 3.05
CA VAL E 58 14.62 15.11 4.20
C VAL E 58 13.77 14.81 5.45
N CYS E 59 12.43 14.89 5.34
CA CYS E 59 11.52 14.58 6.45
C CYS E 59 11.61 13.11 6.86
N MET E 60 11.79 12.19 5.90
CA MET E 60 11.97 10.76 6.18
C MET E 60 13.29 10.55 6.93
N TYR E 61 14.33 11.34 6.62
CA TYR E 61 15.60 11.25 7.32
C TYR E 61 15.41 11.66 8.79
N PHE E 62 14.66 12.74 9.08
CA PHE E 62 14.48 13.19 10.46
C PHE E 62 13.86 12.11 11.36
N THR E 63 12.81 11.44 10.88
CA THR E 63 12.17 10.37 11.66
C THR E 63 13.13 9.16 11.78
N TYR E 64 13.88 8.83 10.72
CA TYR E 64 14.90 7.76 10.73
C TYR E 64 15.97 8.05 11.79
N LYS E 65 16.45 9.30 11.81
CA LYS E 65 17.49 9.75 12.73
C LYS E 65 16.97 9.69 14.18
N VAL E 66 15.78 10.26 14.45
CA VAL E 66 15.22 10.27 15.80
C VAL E 66 14.93 8.85 16.29
N ARG E 67 14.41 7.97 15.42
CA ARG E 67 14.12 6.59 15.80
C ARG E 67 15.37 5.76 16.12
N TYR E 68 16.39 5.82 15.26
CA TYR E 68 17.56 4.96 15.38
C TYR E 68 18.79 5.54 16.09
N THR E 69 18.87 6.85 16.39
CA THR E 69 20.04 7.39 17.13
C THR E 69 19.97 6.89 18.58
N ASN E 70 21.08 6.36 19.11
CA ASN E 70 21.20 5.82 20.47
C ASN E 70 20.49 4.48 20.68
N SER E 71 19.86 3.90 19.64
CA SER E 71 19.20 2.60 19.78
C SER E 71 20.25 1.49 19.71
N SER E 72 20.10 0.44 20.54
CA SER E 72 21.04 -0.70 20.57
C SER E 72 20.59 -1.84 19.64
N THR E 73 19.78 -1.55 18.60
CA THR E 73 19.24 -2.54 17.67
C THR E 73 19.95 -2.46 16.30
N GLU E 74 19.64 -3.42 15.39
CA GLU E 74 20.20 -3.45 14.05
C GLU E 74 19.68 -2.22 13.30
N ILE E 75 20.59 -1.42 12.73
CA ILE E 75 20.23 -0.17 12.06
C ILE E 75 20.06 -0.43 10.56
N PRO E 76 18.89 -0.13 9.95
CA PRO E 76 18.77 -0.32 8.50
C PRO E 76 19.45 0.81 7.72
N GLU E 77 19.68 0.59 6.43
CA GLU E 77 20.28 1.61 5.58
C GLU E 77 19.25 2.69 5.26
N PHE E 78 19.69 3.95 5.15
CA PHE E 78 18.80 5.02 4.74
C PHE E 78 18.89 4.99 3.20
N PRO E 79 17.85 4.58 2.44
CA PRO E 79 18.00 4.49 0.98
C PRO E 79 17.86 5.83 0.26
N ILE E 80 18.65 6.04 -0.81
CA ILE E 80 18.60 7.26 -1.62
C ILE E 80 18.68 6.82 -3.09
N ALA E 81 17.64 7.10 -3.88
CA ALA E 81 17.66 6.72 -5.30
C ALA E 81 18.73 7.55 -6.03
N PRO E 82 19.47 6.99 -7.01
CA PRO E 82 20.47 7.81 -7.72
C PRO E 82 19.95 9.12 -8.32
N GLU E 83 18.67 9.17 -8.71
CA GLU E 83 18.08 10.36 -9.35
C GLU E 83 17.98 11.57 -8.42
N ILE E 84 17.83 11.34 -7.10
CA ILE E 84 17.70 12.44 -6.14
C ILE E 84 18.98 12.72 -5.34
N ALA E 85 19.98 11.81 -5.37
CA ALA E 85 21.20 11.92 -4.58
C ALA E 85 21.91 13.28 -4.59
N LEU E 86 22.12 13.89 -5.77
CA LEU E 86 22.85 15.16 -5.84
C LEU E 86 22.07 16.34 -5.24
N GLU E 87 20.76 16.44 -5.49
CA GLU E 87 19.94 17.50 -4.90
C GLU E 87 19.75 17.29 -3.41
N LEU E 88 19.65 16.03 -2.96
CA LEU E 88 19.53 15.73 -1.54
C LEU E 88 20.83 16.10 -0.83
N LEU E 89 22.00 15.89 -1.48
CA LEU E 89 23.31 16.29 -0.94
C LEU E 89 23.34 17.83 -0.76
N MET E 90 22.85 18.57 -1.75
CA MET E 90 22.81 20.04 -1.69
C MET E 90 21.91 20.51 -0.55
N ALA E 91 20.73 19.90 -0.38
CA ALA E 91 19.80 20.22 0.70
C ALA E 91 20.37 19.87 2.09
N ALA E 92 20.98 18.67 2.24
CA ALA E 92 21.60 18.24 3.48
C ALA E 92 22.76 19.16 3.87
N ASN E 93 23.50 19.67 2.89
CA ASN E 93 24.61 20.58 3.17
C ASN E 93 24.07 21.91 3.70
N PHE E 94 22.98 22.42 3.11
CA PHE E 94 22.37 23.66 3.57
C PHE E 94 21.72 23.49 4.96
N LEU E 95 21.05 22.36 5.19
CA LEU E 95 20.35 22.10 6.43
C LEU E 95 21.22 21.60 7.58
N ASP E 96 22.41 21.05 7.29
CA ASP E 96 23.35 20.53 8.29
C ASP E 96 22.71 19.36 9.06
N MET F 1 4.15 -2.22 18.69
CA MET F 1 5.16 -1.74 17.76
C MET F 1 4.64 -0.52 16.98
N ASP F 2 5.55 0.41 16.63
CA ASP F 2 5.21 1.65 15.93
C ASP F 2 5.23 1.52 14.41
N VAL F 3 4.33 2.27 13.74
CA VAL F 3 4.25 2.35 12.28
C VAL F 3 4.46 3.82 11.88
N PHE F 4 5.22 4.06 10.81
CA PHE F 4 5.56 5.41 10.35
C PHE F 4 4.80 5.72 9.07
N LEU F 5 4.04 6.83 9.07
CA LEU F 5 3.12 7.18 8.01
C LEU F 5 3.30 8.57 7.40
N MET F 6 2.70 8.77 6.22
CA MET F 6 2.58 10.03 5.51
C MET F 6 1.10 10.18 5.20
N ILE F 7 0.36 11.06 5.90
CA ILE F 7 -1.06 11.26 5.61
C ILE F 7 -1.05 12.29 4.48
N ARG F 8 -1.58 11.92 3.29
CA ARG F 8 -1.49 12.77 2.09
C ARG F 8 -2.84 13.23 1.52
N ARG F 9 -2.96 14.53 1.24
CA ARG F 9 -4.15 15.13 0.62
C ARG F 9 -3.70 16.32 -0.21
N HIS F 10 -4.07 16.35 -1.52
CA HIS F 10 -3.73 17.44 -2.45
C HIS F 10 -2.19 17.73 -2.41
N LYS F 11 -1.72 18.86 -1.82
CA LYS F 11 -0.31 19.18 -1.73
C LYS F 11 0.14 19.31 -0.26
N THR F 12 -0.45 18.53 0.67
CA THR F 12 -0.06 18.56 2.09
C THR F 12 0.23 17.12 2.55
N THR F 13 1.31 16.93 3.34
CA THR F 13 1.72 15.62 3.85
C THR F 13 2.04 15.72 5.33
N ILE F 14 1.42 14.88 6.17
CA ILE F 14 1.69 14.85 7.61
C ILE F 14 2.57 13.63 7.89
N PHE F 15 3.75 13.86 8.44
CA PHE F 15 4.64 12.77 8.85
C PHE F 15 4.29 12.51 10.31
N THR F 16 3.76 11.32 10.61
CA THR F 16 3.40 10.98 11.99
C THR F 16 3.57 9.46 12.23
N ASP F 17 3.55 9.06 13.51
CA ASP F 17 3.66 7.66 13.88
C ASP F 17 2.53 7.28 14.81
N ALA F 18 2.15 6.00 14.78
CA ALA F 18 1.09 5.49 15.63
C ALA F 18 1.38 4.01 15.93
N LYS F 19 0.72 3.45 16.96
CA LYS F 19 0.91 2.05 17.31
C LYS F 19 0.16 1.16 16.31
N GLU F 20 0.68 -0.03 16.07
CA GLU F 20 0.05 -1.00 15.17
C GLU F 20 -1.33 -1.44 15.73
N SER F 21 -1.48 -1.48 17.07
CA SER F 21 -2.75 -1.81 17.72
C SER F 21 -3.73 -0.63 17.77
N SER F 22 -3.30 0.60 17.46
CA SER F 22 -4.19 1.77 17.47
C SER F 22 -5.14 1.71 16.28
N THR F 23 -6.31 2.34 16.40
CA THR F 23 -7.34 2.30 15.36
C THR F 23 -7.26 3.43 14.34
N VAL F 24 -7.93 3.23 13.19
CA VAL F 24 -8.09 4.19 12.11
C VAL F 24 -8.77 5.45 12.68
N PHE F 25 -9.73 5.28 13.61
CA PHE F 25 -10.40 6.42 14.27
C PHE F 25 -9.42 7.24 15.08
N GLU F 26 -8.51 6.59 15.83
CA GLU F 26 -7.51 7.30 16.62
C GLU F 26 -6.53 8.08 15.71
N LEU F 27 -6.28 7.59 14.47
CA LEU F 27 -5.45 8.29 13.49
C LEU F 27 -6.20 9.53 12.98
N LYS F 28 -7.54 9.48 12.88
CA LYS F 28 -8.35 10.64 12.50
C LYS F 28 -8.32 11.70 13.62
N ARG F 29 -8.21 11.29 14.89
CA ARG F 29 -8.07 12.25 16.01
C ARG F 29 -6.72 12.97 15.95
N ILE F 30 -5.66 12.31 15.43
CA ILE F 30 -4.37 12.94 15.26
C ILE F 30 -4.51 13.99 14.15
N VAL F 31 -5.17 13.63 13.03
CA VAL F 31 -5.39 14.55 11.91
C VAL F 31 -6.22 15.76 12.36
N GLU F 32 -7.21 15.55 13.27
CA GLU F 32 -8.03 16.62 13.83
C GLU F 32 -7.18 17.68 14.55
N GLY F 33 -6.22 17.24 15.36
CA GLY F 33 -5.35 18.15 16.08
C GLY F 33 -4.39 18.96 15.22
N ILE F 34 -4.22 18.57 13.95
CA ILE F 34 -3.31 19.24 13.02
C ILE F 34 -4.07 20.11 12.00
N LEU F 35 -5.04 19.53 11.26
CA LEU F 35 -5.80 20.23 10.22
C LEU F 35 -7.17 20.75 10.67
N LYS F 36 -7.51 20.61 11.97
CA LYS F 36 -8.75 21.14 12.56
C LYS F 36 -10.05 20.72 11.84
N ARG F 37 -10.15 19.45 11.44
CA ARG F 37 -11.35 18.88 10.82
C ARG F 37 -11.74 17.65 11.65
N PRO F 38 -13.02 17.45 12.06
CA PRO F 38 -13.35 16.31 12.92
C PRO F 38 -13.29 14.94 12.21
N PRO F 39 -13.23 13.79 12.94
CA PRO F 39 -13.18 12.49 12.24
C PRO F 39 -14.36 12.19 11.32
N ASP F 40 -15.57 12.66 11.65
CA ASP F 40 -16.76 12.43 10.81
C ASP F 40 -16.65 13.16 9.45
N GLU F 41 -15.75 14.16 9.32
CA GLU F 41 -15.51 14.87 8.05
C GLU F 41 -14.23 14.34 7.40
N GLN F 42 -13.86 13.06 7.64
CA GLN F 42 -12.63 12.48 7.13
C GLN F 42 -12.81 11.07 6.59
N ARG F 43 -12.02 10.73 5.57
CA ARG F 43 -11.96 9.40 4.97
C ARG F 43 -10.50 9.08 4.73
N LEU F 44 -9.99 7.98 5.32
CA LEU F 44 -8.59 7.56 5.14
C LEU F 44 -8.54 6.32 4.24
N TYR F 45 -7.58 6.30 3.30
CA TYR F 45 -7.42 5.25 2.30
C TYR F 45 -6.01 4.64 2.29
N LYS F 46 -5.87 3.44 1.70
CA LYS F 46 -4.58 2.77 1.47
C LYS F 46 -4.62 2.31 0.01
N ASP F 47 -3.88 3.02 -0.87
CA ASP F 47 -3.86 2.85 -2.32
C ASP F 47 -5.20 3.40 -2.91
N ASP F 48 -6.28 2.61 -3.00
CA ASP F 48 -7.60 3.10 -3.45
C ASP F 48 -8.72 2.44 -2.61
N GLN F 49 -8.42 1.96 -1.38
CA GLN F 49 -9.38 1.23 -0.56
C GLN F 49 -9.66 2.01 0.73
N LEU F 50 -10.95 2.30 0.98
CA LEU F 50 -11.34 3.07 2.15
C LEU F 50 -11.18 2.22 3.42
N LEU F 51 -10.63 2.82 4.48
CA LEU F 51 -10.37 2.12 5.74
C LEU F 51 -11.50 2.32 6.74
N ASP F 52 -11.89 1.22 7.43
CA ASP F 52 -12.95 1.20 8.44
C ASP F 52 -12.41 1.78 9.76
N ASP F 53 -13.16 2.72 10.38
CA ASP F 53 -12.78 3.39 11.64
C ASP F 53 -12.42 2.46 12.81
N GLY F 54 -13.08 1.31 12.92
CA GLY F 54 -12.88 0.37 14.02
C GLY F 54 -11.74 -0.61 13.89
N LYS F 55 -11.05 -0.62 12.75
CA LYS F 55 -9.94 -1.55 12.53
C LYS F 55 -8.62 -0.99 13.05
N THR F 56 -7.70 -1.89 13.46
CA THR F 56 -6.36 -1.46 13.90
C THR F 56 -5.54 -1.11 12.65
N LEU F 57 -4.41 -0.39 12.81
CA LEU F 57 -3.55 -0.07 11.67
C LEU F 57 -2.88 -1.36 11.11
N GLY F 58 -2.60 -2.34 11.96
CA GLY F 58 -2.09 -3.63 11.51
C GLY F 58 -3.10 -4.37 10.65
N GLU F 59 -4.38 -4.27 11.00
CA GLU F 59 -5.48 -4.87 10.23
C GLU F 59 -5.70 -4.15 8.86
N CYS F 60 -5.15 -2.93 8.70
CA CYS F 60 -5.17 -2.15 7.46
C CYS F 60 -3.85 -2.28 6.67
N GLY F 61 -3.05 -3.32 6.95
CA GLY F 61 -1.79 -3.54 6.26
C GLY F 61 -0.58 -2.76 6.73
N PHE F 62 -0.71 -1.88 7.74
CA PHE F 62 0.41 -1.09 8.25
C PHE F 62 1.16 -1.86 9.33
N THR F 63 2.35 -2.38 8.99
CA THR F 63 3.18 -3.15 9.92
C THR F 63 4.58 -2.49 10.05
N SER F 64 5.40 -2.96 11.00
CA SER F 64 6.76 -2.42 11.18
C SER F 64 7.62 -2.59 9.92
N GLN F 65 7.30 -3.57 9.05
CA GLN F 65 8.05 -3.81 7.83
C GLN F 65 7.47 -3.10 6.60
N THR F 66 6.18 -2.73 6.60
CA THR F 66 5.59 -2.00 5.48
C THR F 66 5.52 -0.48 5.74
N ALA F 67 5.72 -0.02 7.00
CA ALA F 67 5.66 1.40 7.38
C ALA F 67 6.87 1.74 8.24
N ARG F 68 8.04 1.82 7.62
CA ARG F 68 9.30 2.05 8.30
C ARG F 68 9.64 3.55 8.46
N PRO F 69 10.44 3.97 9.45
CA PRO F 69 10.81 5.41 9.55
C PRO F 69 11.41 6.00 8.26
N GLN F 70 12.30 5.25 7.58
CA GLN F 70 12.98 5.69 6.36
C GLN F 70 12.18 5.44 5.06
N ALA F 71 11.04 4.72 5.15
CA ALA F 71 10.16 4.43 4.01
C ALA F 71 8.71 4.35 4.55
N PRO F 72 8.12 5.50 4.96
CA PRO F 72 6.78 5.46 5.56
C PRO F 72 5.67 5.06 4.60
N ALA F 73 4.63 4.43 5.13
CA ALA F 73 3.48 4.04 4.32
C ALA F 73 2.59 5.26 4.13
N THR F 74 2.00 5.42 2.94
CA THR F 74 1.11 6.53 2.63
C THR F 74 -0.33 6.20 3.04
N VAL F 75 -1.02 7.16 3.66
CA VAL F 75 -2.43 7.05 4.04
C VAL F 75 -3.10 8.20 3.33
N GLY F 76 -3.98 7.92 2.39
CA GLY F 76 -4.69 8.96 1.65
C GLY F 76 -5.76 9.61 2.52
N LEU F 77 -6.02 10.90 2.32
CA LEU F 77 -7.00 11.63 3.11
C LEU F 77 -7.90 12.47 2.18
N ALA F 78 -9.23 12.42 2.40
CA ALA F 78 -10.22 13.17 1.64
C ALA F 78 -11.23 13.74 2.64
N PHE F 79 -11.44 15.08 2.63
CA PHE F 79 -12.35 15.72 3.58
C PHE F 79 -13.78 15.83 3.07
N ARG F 80 -14.74 15.99 4.01
CA ARG F 80 -16.15 16.15 3.66
C ARG F 80 -16.43 17.62 3.36
N ALA F 81 -17.05 17.89 2.20
CA ALA F 81 -17.40 19.23 1.76
C ALA F 81 -18.91 19.31 1.56
N ASP F 82 -19.63 19.82 2.58
CA ASP F 82 -21.09 19.97 2.56
C ASP F 82 -21.85 18.65 2.31
N ASP F 83 -21.90 17.78 3.33
CA ASP F 83 -22.63 16.50 3.30
C ASP F 83 -22.21 15.51 2.18
N THR F 84 -21.06 15.73 1.53
CA THR F 84 -20.57 14.83 0.47
C THR F 84 -19.04 14.84 0.48
N PHE F 85 -18.42 13.67 0.26
CA PHE F 85 -16.97 13.56 0.28
C PHE F 85 -16.38 13.79 -1.10
N GLU F 86 -15.27 14.55 -1.15
CA GLU F 86 -14.55 14.79 -2.40
C GLU F 86 -13.83 13.50 -2.84
N ALA F 87 -13.46 13.42 -4.13
CA ALA F 87 -12.74 12.27 -4.64
C ALA F 87 -11.30 12.35 -4.11
N LEU F 88 -10.70 11.20 -3.75
CA LEU F 88 -9.33 11.19 -3.23
C LEU F 88 -8.37 11.70 -4.29
N CYS F 89 -7.65 12.78 -3.98
CA CYS F 89 -6.71 13.41 -4.88
C CYS F 89 -5.41 13.70 -4.13
N ILE F 90 -4.32 13.02 -4.50
CA ILE F 90 -3.02 13.22 -3.88
C ILE F 90 -2.12 13.67 -5.02
N GLU F 91 -1.60 14.90 -4.95
CA GLU F 91 -0.72 15.40 -6.01
C GLU F 91 0.66 14.78 -5.82
N PRO F 92 1.29 14.16 -6.85
CA PRO F 92 2.62 13.59 -6.63
C PRO F 92 3.70 14.64 -6.45
N PHE F 93 4.85 14.25 -5.91
CA PHE F 93 5.97 15.16 -5.73
C PHE F 93 6.62 15.46 -7.08
N SER F 94 7.48 16.49 -7.15
CA SER F 94 8.16 16.86 -8.37
C SER F 94 9.01 15.71 -8.91
N SER F 95 9.22 15.68 -10.22
CA SER F 95 10.02 14.62 -10.84
C SER F 95 11.50 15.01 -10.78
N PRO F 96 12.45 14.11 -10.44
CA PRO F 96 13.87 14.52 -10.47
C PRO F 96 14.34 14.82 -11.90
N PRO F 97 15.45 15.57 -12.12
CA PRO F 97 15.91 15.80 -13.51
C PRO F 97 16.53 14.53 -14.12
N GLU F 98 16.93 14.58 -15.41
CA GLU F 98 17.61 13.44 -16.04
C GLU F 98 18.93 13.16 -15.29
N LEU F 99 19.25 11.88 -15.09
CA LEU F 99 20.47 11.47 -14.37
C LEU F 99 21.71 12.06 -15.08
N PRO F 100 22.60 12.85 -14.43
CA PRO F 100 23.76 13.42 -15.16
C PRO F 100 24.57 12.41 -15.94
N ASP F 101 25.29 12.87 -16.97
CA ASP F 101 26.10 11.99 -17.82
C ASP F 101 27.15 11.22 -17.00
N VAL F 102 27.83 11.89 -16.07
CA VAL F 102 28.88 11.26 -15.24
C VAL F 102 28.30 10.25 -14.22
N MET F 103 27.02 10.39 -13.82
CA MET F 103 26.36 9.45 -12.91
C MET F 103 25.86 8.20 -13.65
N LYS F 104 25.47 8.34 -14.93
CA LYS F 104 24.94 7.24 -15.73
C LYS F 104 25.98 6.14 -15.92
#